data_6AYR
#
_entry.id   6AYR
#
_cell.length_a   68.156
_cell.length_b   91.407
_cell.length_c   78.431
_cell.angle_alpha   90.00
_cell.angle_beta   109.97
_cell.angle_gamma   90.00
#
_symmetry.space_group_name_H-M   'P 1 21 1'
#
loop_
_entity.id
_entity.type
_entity.pdbx_description
1 polymer "5'-methylthioadenosine/S-adenosylhomocysteine nucleosidase"
2 non-polymer (3R,4S)-1-[(4-amino-5H-pyrrolo[3,2-d]pyrimidin-7-yl)methyl]-4-[(butylsulfanyl)methyl]pyrrolidin-3-ol
3 non-polymer 1,2-ETHANEDIOL
4 water water
#
_entity_poly.entity_id   1
_entity_poly.type   'polypeptide(L)'
_entity_poly.pdbx_seq_one_letter_code
;MGHHHHHHSGMKIAILGAMSEEITPLLETLKDYTKIEHANNTYYFAKYKDHELVLAYSKIGKVNSTLSASVMIEKFGAQV
LLFTGVAGAFNPELEIGDLLYATKLAQYDLDITAFGHPLGFVPGNEIFIKTDEKLNNLALEVAKELNIKLRAGIIATGDE
FICDEAKKAKIREIFNADACEMEGASVALVCDALKVPCFILRAMSDKAGEKAEFDFDEFVINSAKISANFVLKMCEKL
;
_entity_poly.pdbx_strand_id   A,B,C,D
#
loop_
_chem_comp.id
_chem_comp.type
_chem_comp.name
_chem_comp.formula
BIG non-polymer (3R,4S)-1-[(4-amino-5H-pyrrolo[3,2-d]pyrimidin-7-yl)methyl]-4-[(butylsulfanyl)methyl]pyrrolidin-3-ol 'C16 H25 N5 O S'
EDO non-polymer 1,2-ETHANEDIOL 'C2 H6 O2'
#
# COMPACT_ATOMS: atom_id res chain seq x y z
N GLY A 10 -25.96 -4.00 19.44
CA GLY A 10 -25.09 -3.08 18.66
C GLY A 10 -25.28 -3.15 17.15
N MET A 11 -24.34 -2.56 16.42
CA MET A 11 -24.45 -2.45 14.96
C MET A 11 -23.10 -2.26 14.27
N LYS A 12 -23.12 -2.45 12.97
CA LYS A 12 -21.94 -2.24 12.12
C LYS A 12 -21.84 -0.77 11.75
N ILE A 13 -20.67 -0.17 12.01
CA ILE A 13 -20.42 1.25 11.79
C ILE A 13 -19.19 1.37 10.90
N ALA A 14 -19.31 2.13 9.82
CA ALA A 14 -18.16 2.52 9.00
C ALA A 14 -17.66 3.88 9.49
N ILE A 15 -16.34 3.99 9.64
CA ILE A 15 -15.69 5.27 9.94
C ILE A 15 -14.66 5.50 8.85
N LEU A 16 -14.80 6.60 8.12
CA LEU A 16 -14.03 6.84 6.89
C LEU A 16 -13.41 8.23 6.91
N GLY A 17 -12.12 8.30 6.62
CA GLY A 17 -11.43 9.53 6.24
C GLY A 17 -10.86 9.41 4.84
N ALA A 18 -10.19 10.47 4.38
CA ALA A 18 -9.49 10.48 3.10
C ALA A 18 -8.00 10.11 3.25
N MET A 19 -7.38 10.58 4.33
CA MET A 19 -5.93 10.48 4.55
C MET A 19 -5.61 9.67 5.79
N SER A 20 -4.40 9.13 5.84
CA SER A 20 -3.93 8.34 6.98
C SER A 20 -4.00 9.14 8.29
N GLU A 21 -3.71 10.44 8.21
CA GLU A 21 -3.77 11.33 9.38
C GLU A 21 -5.16 11.42 9.99
N GLU A 22 -6.22 11.21 9.19
CA GLU A 22 -7.61 11.33 9.66
C GLU A 22 -8.14 10.06 10.35
N ILE A 23 -7.46 8.93 10.15
CA ILE A 23 -7.90 7.63 10.67
C ILE A 23 -6.89 6.99 11.65
N THR A 24 -5.60 7.27 11.52
CA THR A 24 -4.57 6.74 12.43
C THR A 24 -4.85 6.98 13.93
N PRO A 25 -5.31 8.20 14.30
CA PRO A 25 -5.63 8.44 15.71
C PRO A 25 -6.70 7.48 16.28
N LEU A 26 -7.66 7.08 15.46
CA LEU A 26 -8.65 6.09 15.88
C LEU A 26 -8.05 4.69 16.05
N LEU A 27 -7.15 4.29 15.14
CA LEU A 27 -6.50 2.98 15.24
C LEU A 27 -5.62 2.87 16.50
N GLU A 28 -4.94 3.97 16.83
CA GLU A 28 -4.17 4.07 18.08
C GLU A 28 -5.05 4.00 19.33
N THR A 29 -6.20 4.66 19.31
CA THR A 29 -7.14 4.60 20.44
C THR A 29 -7.73 3.19 20.63
N LEU A 30 -8.06 2.53 19.52
CA LEU A 30 -8.68 1.19 19.57
C LEU A 30 -7.69 0.08 19.91
N LYS A 31 -6.41 0.28 19.59
CA LYS A 31 -5.31 -0.68 19.90
C LYS A 31 -5.39 -2.02 19.14
N ASP A 32 -6.44 -2.78 19.37
CA ASP A 32 -6.61 -4.12 18.79
C ASP A 32 -7.55 -4.08 17.59
N TYR A 33 -7.05 -4.51 16.44
CA TYR A 33 -7.86 -4.55 15.22
C TYR A 33 -7.23 -5.49 14.20
N THR A 34 -8.05 -5.97 13.27
CA THR A 34 -7.60 -6.82 12.16
C THR A 34 -7.64 -6.03 10.85
N LYS A 35 -6.91 -6.48 9.85
CA LYS A 35 -6.84 -5.83 8.54
C LYS A 35 -7.22 -6.77 7.40
N ILE A 36 -7.81 -6.21 6.34
CA ILE A 36 -8.12 -6.93 5.10
C ILE A 36 -7.71 -6.05 3.93
N GLU A 37 -6.87 -6.57 3.03
CA GLU A 37 -6.54 -5.89 1.77
C GLU A 37 -7.69 -6.10 0.79
N HIS A 38 -8.35 -5.01 0.41
CA HIS A 38 -9.39 -5.05 -0.62
C HIS A 38 -9.48 -3.72 -1.38
N ALA A 39 -9.73 -3.82 -2.68
CA ALA A 39 -9.96 -2.62 -3.52
C ALA A 39 -8.78 -1.68 -3.53
N ASN A 40 -7.57 -2.27 -3.57
CA ASN A 40 -6.30 -1.53 -3.57
C ASN A 40 -6.19 -0.57 -2.38
N ASN A 41 -6.58 -1.07 -1.22
CA ASN A 41 -6.59 -0.30 0.02
C ASN A 41 -6.62 -1.28 1.19
N THR A 42 -6.55 -0.77 2.42
CA THR A 42 -6.67 -1.61 3.61
C THR A 42 -7.88 -1.18 4.41
N TYR A 43 -8.69 -2.16 4.80
CA TYR A 43 -9.85 -1.94 5.65
C TYR A 43 -9.55 -2.58 7.01
N TYR A 44 -9.85 -1.84 8.08
CA TYR A 44 -9.52 -2.20 9.46
C TYR A 44 -10.78 -2.53 10.24
N PHE A 45 -10.73 -3.57 11.07
CA PHE A 45 -11.89 -4.06 11.81
C PHE A 45 -11.60 -4.15 13.31
N ALA A 46 -12.48 -3.56 14.10
CA ALA A 46 -12.32 -3.48 15.56
C ALA A 46 -13.67 -3.51 16.26
N LYS A 47 -13.71 -4.15 17.42
CA LYS A 47 -14.90 -4.13 18.29
C LYS A 47 -14.80 -2.91 19.20
N TYR A 48 -15.95 -2.31 19.52
CA TYR A 48 -15.98 -1.11 20.36
C TYR A 48 -17.37 -0.96 21.01
N LYS A 49 -17.41 -1.18 22.33
CA LYS A 49 -18.61 -1.27 23.14
C LYS A 49 -19.31 -2.45 22.52
N ASP A 50 -20.59 -2.36 22.20
CA ASP A 50 -21.31 -3.51 21.55
C ASP A 50 -21.22 -3.47 20.01
N HIS A 51 -20.39 -2.58 19.45
CA HIS A 51 -20.43 -2.29 18.00
C HIS A 51 -19.29 -2.99 17.27
N GLU A 52 -19.50 -3.23 15.98
CA GLU A 52 -18.45 -3.72 15.08
C GLU A 52 -18.08 -2.53 14.18
N LEU A 53 -16.82 -2.12 14.24
CA LEU A 53 -16.35 -0.98 13.43
C LEU A 53 -15.58 -1.48 12.22
N VAL A 54 -15.77 -0.80 11.08
CA VAL A 54 -14.90 -0.93 9.93
C VAL A 54 -14.37 0.46 9.59
N LEU A 55 -13.05 0.60 9.52
CA LEU A 55 -12.39 1.88 9.30
C LEU A 55 -11.46 1.82 8.12
N ALA A 56 -11.28 2.96 7.46
CA ALA A 56 -10.33 3.09 6.36
C ALA A 56 -10.11 4.55 6.02
N TYR A 57 -8.99 4.82 5.39
CA TYR A 57 -8.81 6.07 4.67
C TYR A 57 -8.85 5.74 3.17
N SER A 58 -9.64 6.51 2.43
CA SER A 58 -9.94 6.20 1.03
C SER A 58 -8.84 6.51 0.03
N LYS A 59 -7.94 7.41 0.42
CA LYS A 59 -7.11 8.22 -0.49
C LYS A 59 -7.94 9.40 -1.00
N ILE A 60 -7.23 10.41 -1.50
CA ILE A 60 -7.84 11.73 -1.69
C ILE A 60 -8.82 11.76 -2.87
N GLY A 61 -9.94 12.45 -2.68
CA GLY A 61 -10.83 12.80 -3.77
C GLY A 61 -12.15 12.05 -3.89
N LYS A 62 -12.92 12.44 -4.91
CA LYS A 62 -14.30 11.99 -5.08
C LYS A 62 -14.41 10.53 -5.50
N VAL A 63 -13.62 10.11 -6.48
CA VAL A 63 -13.67 8.72 -6.95
C VAL A 63 -13.24 7.74 -5.85
N ASN A 64 -12.07 8.00 -5.25
CA ASN A 64 -11.53 7.15 -4.18
C ASN A 64 -12.51 7.02 -2.99
N SER A 65 -13.05 8.16 -2.56
CA SER A 65 -14.01 8.17 -1.44
C SER A 65 -15.33 7.46 -1.81
N THR A 66 -15.80 7.65 -3.03
CA THR A 66 -16.99 6.94 -3.54
C THR A 66 -16.81 5.41 -3.47
N LEU A 67 -15.64 4.93 -3.88
CA LEU A 67 -15.36 3.51 -3.86
C LEU A 67 -15.31 2.94 -2.44
N SER A 68 -14.63 3.65 -1.54
CA SER A 68 -14.53 3.21 -0.12
C SER A 68 -15.91 3.13 0.55
N ALA A 69 -16.72 4.17 0.40
CA ALA A 69 -18.09 4.15 0.91
C ALA A 69 -18.88 2.95 0.41
N SER A 70 -18.82 2.70 -0.91
CA SER A 70 -19.52 1.59 -1.53
C SER A 70 -19.05 0.21 -1.05
N VAL A 71 -17.74 0.01 -0.97
CA VAL A 71 -17.14 -1.21 -0.44
C VAL A 71 -17.54 -1.46 1.02
N MET A 72 -17.48 -0.43 1.85
CA MET A 72 -17.78 -0.57 3.27
C MET A 72 -19.24 -0.96 3.52
N ILE A 73 -20.16 -0.41 2.73
CA ILE A 73 -21.58 -0.75 2.83
C ILE A 73 -21.87 -2.11 2.18
N GLU A 74 -21.51 -2.28 0.92
CA GLU A 74 -21.92 -3.47 0.13
C GLU A 74 -21.18 -4.77 0.49
N LYS A 75 -19.86 -4.73 0.57
CA LYS A 75 -19.07 -5.91 0.94
C LYS A 75 -19.03 -6.13 2.47
N PHE A 76 -18.78 -5.07 3.23
CA PHE A 76 -18.59 -5.21 4.68
C PHE A 76 -19.81 -4.87 5.57
N GLY A 77 -20.97 -4.62 4.94
CA GLY A 77 -22.25 -4.54 5.65
C GLY A 77 -22.46 -3.41 6.65
N ALA A 78 -21.79 -2.28 6.46
CA ALA A 78 -21.96 -1.14 7.36
C ALA A 78 -23.40 -0.63 7.33
N GLN A 79 -23.97 -0.39 8.52
CA GLN A 79 -25.35 0.09 8.66
C GLN A 79 -25.41 1.59 8.90
N VAL A 80 -24.26 2.19 9.22
CA VAL A 80 -24.14 3.62 9.47
C VAL A 80 -22.73 3.97 9.01
N LEU A 81 -22.58 5.16 8.45
CA LEU A 81 -21.26 5.68 8.06
C LEU A 81 -21.01 7.06 8.67
N LEU A 82 -19.88 7.20 9.36
CA LEU A 82 -19.45 8.47 9.92
C LEU A 82 -18.18 8.87 9.16
N PHE A 83 -18.17 10.07 8.58
CA PHE A 83 -16.97 10.59 7.92
C PHE A 83 -16.25 11.59 8.83
N THR A 84 -14.94 11.40 8.98
CA THR A 84 -14.10 12.25 9.83
C THR A 84 -12.86 12.72 9.07
N GLY A 85 -12.60 14.01 9.12
CA GLY A 85 -11.42 14.56 8.49
C GLY A 85 -11.29 16.05 8.69
N VAL A 86 -10.58 16.71 7.78
CA VAL A 86 -10.34 18.14 7.86
C VAL A 86 -10.96 18.85 6.66
N ALA A 87 -10.96 20.18 6.68
CA ALA A 87 -11.57 20.96 5.62
C ALA A 87 -11.00 22.37 5.54
N GLY A 88 -11.26 23.04 4.43
CA GLY A 88 -10.92 24.45 4.24
C GLY A 88 -12.10 25.32 4.61
N ALA A 89 -11.88 26.33 5.46
CA ALA A 89 -12.94 27.19 5.96
C ALA A 89 -13.29 28.30 4.98
N PHE A 90 -14.58 28.50 4.76
CA PHE A 90 -15.14 29.61 3.96
C PHE A 90 -15.83 30.63 4.86
N ASN A 91 -16.62 30.16 5.81
CA ASN A 91 -17.34 31.03 6.75
C ASN A 91 -16.32 31.75 7.65
N PRO A 92 -16.34 33.11 7.64
CA PRO A 92 -15.31 33.87 8.37
C PRO A 92 -15.33 33.67 9.90
N GLU A 93 -16.46 33.22 10.45
CA GLU A 93 -16.56 32.85 11.87
C GLU A 93 -15.84 31.54 12.24
N LEU A 94 -15.48 30.72 11.25
CA LEU A 94 -14.73 29.49 11.50
C LEU A 94 -13.24 29.80 11.64
N GLU A 95 -12.64 29.33 12.72
CA GLU A 95 -11.20 29.37 12.92
C GLU A 95 -10.62 27.97 12.73
N ILE A 96 -9.31 27.92 12.57
CA ILE A 96 -8.61 26.65 12.46
C ILE A 96 -8.86 25.80 13.71
N GLY A 97 -9.15 24.53 13.49
CA GLY A 97 -9.51 23.61 14.56
C GLY A 97 -11.00 23.49 14.86
N ASP A 98 -11.82 24.43 14.40
CA ASP A 98 -13.28 24.42 14.68
C ASP A 98 -13.97 23.25 13.96
N LEU A 99 -14.97 22.68 14.63
CA LEU A 99 -15.74 21.56 14.08
C LEU A 99 -16.98 22.06 13.34
N LEU A 100 -17.21 21.47 12.16
CA LEU A 100 -18.38 21.72 11.35
C LEU A 100 -18.91 20.38 10.86
N TYR A 101 -20.22 20.15 11.06
CA TYR A 101 -20.89 19.01 10.41
C TYR A 101 -21.77 19.53 9.26
N ALA A 102 -21.87 18.73 8.19
CA ALA A 102 -22.61 19.14 7.00
C ALA A 102 -24.08 18.76 7.14
N THR A 103 -24.98 19.74 6.99
CA THR A 103 -26.42 19.45 6.87
C THR A 103 -26.73 18.98 5.45
N LYS A 104 -26.02 19.57 4.47
CA LYS A 104 -26.16 19.14 3.08
C LYS A 104 -24.91 19.51 2.27
N LEU A 105 -24.71 18.86 1.13
CA LEU A 105 -23.47 19.00 0.37
C LEU A 105 -23.69 18.98 -1.13
N ALA A 106 -22.80 19.67 -1.85
CA ALA A 106 -22.84 19.74 -3.32
C ALA A 106 -21.45 19.55 -3.92
N GLN A 107 -21.44 19.11 -5.18
CA GLN A 107 -20.21 18.99 -5.95
C GLN A 107 -20.08 20.29 -6.78
N TYR A 108 -19.19 21.21 -6.36
CA TYR A 108 -19.01 22.49 -7.09
C TYR A 108 -18.38 22.35 -8.49
N ASP A 109 -17.80 21.18 -8.81
CA ASP A 109 -17.05 21.00 -10.04
C ASP A 109 -17.71 20.01 -11.02
N LEU A 110 -18.95 19.62 -10.72
CA LEU A 110 -19.78 18.86 -11.64
C LEU A 110 -20.55 19.89 -12.45
N ASP A 111 -20.22 19.99 -13.74
CA ASP A 111 -20.54 21.15 -14.56
C ASP A 111 -20.99 20.70 -15.95
N ILE A 112 -22.30 20.72 -16.17
CA ILE A 112 -22.86 20.61 -17.51
C ILE A 112 -23.63 21.90 -17.81
N THR A 113 -23.14 23.03 -17.31
CA THR A 113 -23.81 24.33 -17.46
C THR A 113 -23.91 24.76 -18.93
N ALA A 114 -23.04 24.23 -19.79
CA ALA A 114 -23.18 24.45 -21.25
C ALA A 114 -24.55 24.05 -21.83
N PHE A 115 -25.28 23.15 -21.16
CA PHE A 115 -26.65 22.77 -21.56
C PHE A 115 -27.75 23.55 -20.80
N GLY A 116 -27.38 24.64 -20.12
CA GLY A 116 -28.34 25.49 -19.41
C GLY A 116 -28.83 24.99 -18.06
N HIS A 117 -28.16 23.99 -17.46
CA HIS A 117 -28.50 23.54 -16.11
C HIS A 117 -27.65 24.29 -15.06
N PRO A 118 -28.10 24.32 -13.80
CA PRO A 118 -27.25 24.95 -12.76
C PRO A 118 -25.97 24.13 -12.45
N LEU A 119 -24.94 24.83 -11.97
CA LEU A 119 -23.68 24.20 -11.55
C LEU A 119 -23.98 23.19 -10.43
N GLY A 120 -23.40 21.99 -10.53
CA GLY A 120 -23.62 20.93 -9.55
C GLY A 120 -24.72 19.92 -9.90
N PHE A 121 -25.50 20.20 -10.95
CA PHE A 121 -26.64 19.38 -11.31
C PHE A 121 -26.33 18.47 -12.50
N VAL A 122 -26.74 17.21 -12.40
CA VAL A 122 -26.92 16.34 -13.56
C VAL A 122 -28.30 15.67 -13.45
N PRO A 123 -28.91 15.29 -14.59
CA PRO A 123 -30.25 14.65 -14.53
C PRO A 123 -30.29 13.35 -13.73
N GLY A 124 -31.40 13.12 -13.02
CA GLY A 124 -31.55 12.00 -12.09
C GLY A 124 -31.16 12.33 -10.64
N ASN A 125 -30.37 13.38 -10.43
CA ASN A 125 -29.82 13.73 -9.12
C ASN A 125 -30.23 15.14 -8.69
N GLU A 126 -30.05 15.43 -7.40
CA GLU A 126 -30.22 16.78 -6.84
C GLU A 126 -28.87 17.50 -6.84
N ILE A 127 -28.92 18.83 -6.76
CA ILE A 127 -27.71 19.63 -6.52
C ILE A 127 -27.13 19.35 -5.12
N PHE A 128 -27.97 19.36 -4.10
CA PHE A 128 -27.54 19.12 -2.70
C PHE A 128 -27.98 17.72 -2.22
N ILE A 129 -27.06 16.99 -1.59
CA ILE A 129 -27.38 15.73 -0.93
C ILE A 129 -27.40 15.97 0.59
N LYS A 130 -28.39 15.41 1.27
CA LYS A 130 -28.57 15.61 2.73
C LYS A 130 -27.96 14.49 3.58
N THR A 131 -27.58 14.84 4.80
CA THR A 131 -27.10 13.88 5.78
C THR A 131 -28.26 13.48 6.71
N ASP A 132 -28.02 12.46 7.53
CA ASP A 132 -29.08 11.92 8.38
C ASP A 132 -29.37 12.81 9.57
N GLU A 133 -30.64 13.12 9.78
CA GLU A 133 -31.08 14.08 10.80
C GLU A 133 -30.86 13.55 12.22
N LYS A 134 -31.11 12.24 12.43
CA LYS A 134 -30.93 11.62 13.74
C LYS A 134 -29.47 11.61 14.18
N LEU A 135 -28.54 11.28 13.27
CA LEU A 135 -27.10 11.35 13.57
C LEU A 135 -26.64 12.78 13.87
N ASN A 136 -27.18 13.75 13.12
CA ASN A 136 -26.89 15.17 13.36
C ASN A 136 -27.36 15.63 14.76
N ASN A 137 -28.53 15.16 15.20
CA ASN A 137 -29.02 15.50 16.54
C ASN A 137 -28.22 14.82 17.63
N LEU A 138 -27.81 13.57 17.39
CA LEU A 138 -26.89 12.88 18.28
C LEU A 138 -25.57 13.65 18.43
N ALA A 139 -25.03 14.16 17.31
CA ALA A 139 -23.83 14.99 17.36
C ALA A 139 -24.02 16.24 18.23
N LEU A 140 -25.18 16.89 18.13
CA LEU A 140 -25.48 18.08 18.94
C LEU A 140 -25.49 17.78 20.45
N GLU A 141 -26.06 16.62 20.84
CA GLU A 141 -26.07 16.20 22.24
C GLU A 141 -24.66 15.88 22.76
N VAL A 142 -23.87 15.17 21.96
CA VAL A 142 -22.46 14.86 22.30
C VAL A 142 -21.64 16.17 22.43
N ALA A 143 -21.94 17.16 21.59
CA ALA A 143 -21.29 18.47 21.66
C ALA A 143 -21.63 19.21 22.96
N LYS A 144 -22.93 19.23 23.31
CA LYS A 144 -23.40 19.83 24.56
C LYS A 144 -22.82 19.11 25.78
N GLU A 145 -22.89 17.79 25.77
CA GLU A 145 -22.42 16.95 26.87
C GLU A 145 -20.95 17.17 27.21
N LEU A 146 -20.09 17.23 26.18
CA LEU A 146 -18.64 17.45 26.38
C LEU A 146 -18.13 18.86 26.17
N ASN A 147 -19.00 19.88 26.31
CA ASN A 147 -18.63 21.30 26.12
C ASN A 147 -17.67 21.54 24.93
N ILE A 148 -18.03 21.00 23.77
CA ILE A 148 -17.32 21.23 22.50
C ILE A 148 -18.20 22.12 21.62
N LYS A 149 -17.59 23.11 20.99
CA LYS A 149 -18.27 23.98 20.05
C LYS A 149 -18.48 23.25 18.73
N LEU A 150 -19.71 23.17 18.26
CA LEU A 150 -20.06 22.47 17.02
C LEU A 150 -21.02 23.29 16.16
N ARG A 151 -20.67 23.46 14.90
CA ARG A 151 -21.41 24.32 13.97
C ARG A 151 -22.02 23.48 12.85
N ALA A 152 -23.25 23.82 12.45
CA ALA A 152 -23.91 23.18 11.31
C ALA A 152 -23.69 24.05 10.06
N GLY A 153 -23.65 23.42 8.90
CA GLY A 153 -23.37 24.14 7.67
C GLY A 153 -23.45 23.34 6.38
N ILE A 154 -23.16 24.02 5.29
CA ILE A 154 -23.16 23.48 3.95
C ILE A 154 -21.70 23.29 3.54
N ILE A 155 -21.36 22.10 3.04
CA ILE A 155 -20.02 21.84 2.51
C ILE A 155 -20.08 21.69 0.99
N ALA A 156 -19.14 22.33 0.31
CA ALA A 156 -18.96 22.22 -1.14
C ALA A 156 -17.77 21.29 -1.41
N THR A 157 -18.00 20.24 -2.19
CA THR A 157 -17.01 19.21 -2.46
C THR A 157 -16.53 19.33 -3.91
N GLY A 158 -15.24 19.12 -4.14
CA GLY A 158 -14.70 19.04 -5.49
C GLY A 158 -13.30 18.50 -5.45
N ASP A 159 -12.72 18.22 -6.61
CA ASP A 159 -11.44 17.51 -6.70
C ASP A 159 -10.24 18.45 -6.86
N GLU A 160 -10.35 19.66 -6.32
CA GLU A 160 -9.26 20.62 -6.30
C GLU A 160 -8.99 21.03 -4.85
N PHE A 161 -7.71 21.15 -4.49
CA PHE A 161 -7.32 21.84 -3.25
C PHE A 161 -7.46 23.34 -3.49
N ILE A 162 -8.33 23.98 -2.71
CA ILE A 162 -8.69 25.40 -2.93
C ILE A 162 -7.75 26.28 -2.12
N CYS A 163 -7.00 27.15 -2.80
CA CYS A 163 -6.04 28.04 -2.14
C CYS A 163 -5.92 29.36 -2.88
N ASP A 164 -7.09 29.97 -3.11
CA ASP A 164 -7.23 31.13 -3.95
C ASP A 164 -8.47 31.88 -3.44
N GLU A 165 -8.33 33.18 -3.18
CA GLU A 165 -9.41 33.97 -2.57
C GLU A 165 -10.62 34.16 -3.49
N ALA A 166 -10.33 34.35 -4.79
CA ALA A 166 -11.38 34.48 -5.81
C ALA A 166 -12.23 33.21 -5.92
N LYS A 167 -11.57 32.07 -6.02
CA LYS A 167 -12.27 30.78 -6.12
C LYS A 167 -13.07 30.48 -4.86
N LYS A 168 -12.45 30.69 -3.70
CA LYS A 168 -13.12 30.58 -2.40
C LYS A 168 -14.41 31.40 -2.38
N ALA A 169 -14.30 32.68 -2.74
CA ALA A 169 -15.46 33.58 -2.74
C ALA A 169 -16.56 33.09 -3.70
N LYS A 170 -16.16 32.67 -4.89
CA LYS A 170 -17.07 32.19 -5.92
C LYS A 170 -17.86 30.96 -5.45
N ILE A 171 -17.17 29.95 -4.94
CA ILE A 171 -17.85 28.71 -4.50
C ILE A 171 -18.77 28.99 -3.34
N ARG A 172 -18.31 29.83 -2.39
CA ARG A 172 -19.12 30.27 -1.27
C ARG A 172 -20.39 31.00 -1.70
N GLU A 173 -20.25 31.91 -2.67
CA GLU A 173 -21.38 32.66 -3.22
C GLU A 173 -22.41 31.75 -3.88
N ILE A 174 -21.94 30.82 -4.72
CA ILE A 174 -22.85 30.00 -5.53
C ILE A 174 -23.63 28.99 -4.68
N PHE A 175 -22.98 28.39 -3.69
CA PHE A 175 -23.58 27.31 -2.90
C PHE A 175 -23.89 27.64 -1.45
N ASN A 176 -23.61 28.88 -1.03
CA ASN A 176 -23.76 29.29 0.38
C ASN A 176 -22.99 28.33 1.30
N ALA A 177 -21.76 27.98 0.88
CA ALA A 177 -20.94 26.97 1.55
C ALA A 177 -20.14 27.59 2.69
N ASP A 178 -20.08 26.86 3.80
CA ASP A 178 -19.29 27.23 4.98
C ASP A 178 -17.86 26.66 4.96
N ALA A 179 -17.65 25.57 4.20
CA ALA A 179 -16.32 24.98 4.02
C ALA A 179 -16.25 24.18 2.72
N CYS A 180 -15.02 23.85 2.31
CA CYS A 180 -14.78 23.07 1.13
C CYS A 180 -13.93 21.86 1.48
N GLU A 181 -14.07 20.83 0.66
CA GLU A 181 -13.26 19.64 0.84
C GLU A 181 -13.41 18.74 -0.40
N MET A 182 -12.87 17.52 -0.39
CA MET A 182 -12.74 16.74 -1.63
C MET A 182 -13.42 15.37 -1.59
N GLU A 183 -14.15 15.07 -0.52
CA GLU A 183 -14.79 13.75 -0.35
C GLU A 183 -16.25 13.72 0.17
N GLY A 184 -16.80 14.84 0.61
CA GLY A 184 -18.03 14.82 1.41
C GLY A 184 -19.27 14.45 0.60
N ALA A 185 -19.56 15.25 -0.42
CA ALA A 185 -20.74 15.05 -1.25
C ALA A 185 -20.79 13.67 -1.90
N SER A 186 -19.63 13.17 -2.30
CA SER A 186 -19.51 11.84 -2.90
C SER A 186 -19.88 10.73 -1.92
N VAL A 187 -19.34 10.80 -0.69
CA VAL A 187 -19.65 9.82 0.36
C VAL A 187 -21.16 9.88 0.74
N ALA A 188 -21.66 11.10 0.91
CA ALA A 188 -23.08 11.32 1.24
C ALA A 188 -24.03 10.77 0.18
N LEU A 189 -23.68 10.97 -1.10
CA LEU A 189 -24.45 10.43 -2.22
C LEU A 189 -24.51 8.90 -2.17
N VAL A 190 -23.35 8.25 -2.01
CA VAL A 190 -23.31 6.79 -1.93
C VAL A 190 -24.23 6.26 -0.82
N CYS A 191 -24.13 6.87 0.37
CA CYS A 191 -24.88 6.42 1.53
C CYS A 191 -26.37 6.59 1.32
N ASP A 192 -26.77 7.74 0.76
CA ASP A 192 -28.19 8.00 0.47
C ASP A 192 -28.72 7.00 -0.57
N ALA A 193 -27.96 6.79 -1.63
CA ALA A 193 -28.36 5.82 -2.68
C ALA A 193 -28.51 4.39 -2.11
N LEU A 194 -27.60 4.00 -1.22
CA LEU A 194 -27.66 2.67 -0.58
C LEU A 194 -28.47 2.61 0.72
N LYS A 195 -29.16 3.71 1.07
CA LYS A 195 -30.09 3.78 2.19
C LYS A 195 -29.41 3.58 3.56
N VAL A 196 -28.22 4.17 3.71
CA VAL A 196 -27.47 4.13 4.96
C VAL A 196 -27.40 5.55 5.54
N PRO A 197 -27.72 5.71 6.84
CA PRO A 197 -27.54 7.01 7.50
C PRO A 197 -26.07 7.46 7.46
N CYS A 198 -25.87 8.70 7.01
CA CYS A 198 -24.55 9.30 6.84
C CYS A 198 -24.38 10.56 7.72
N PHE A 199 -23.17 10.73 8.25
CA PHE A 199 -22.80 11.92 9.04
C PHE A 199 -21.41 12.36 8.59
N ILE A 200 -21.29 13.65 8.23
CA ILE A 200 -20.03 14.21 7.73
C ILE A 200 -19.51 15.27 8.69
N LEU A 201 -18.36 15.01 9.32
CA LEU A 201 -17.74 15.94 10.27
C LEU A 201 -16.34 16.33 9.79
N ARG A 202 -16.05 17.63 9.87
CA ARG A 202 -14.76 18.18 9.45
C ARG A 202 -14.25 19.18 10.49
N ALA A 203 -12.97 19.10 10.81
CA ALA A 203 -12.25 20.12 11.56
C ALA A 203 -11.41 20.96 10.61
N MET A 204 -11.43 22.28 10.76
CA MET A 204 -10.74 23.17 9.82
C MET A 204 -9.22 23.04 9.96
N SER A 205 -8.53 22.82 8.85
CA SER A 205 -7.06 22.81 8.79
C SER A 205 -6.47 24.08 8.19
N ASP A 206 -7.31 24.89 7.53
CA ASP A 206 -6.87 26.09 6.81
C ASP A 206 -8.09 26.94 6.43
N LYS A 207 -7.84 28.08 5.77
CA LYS A 207 -8.91 29.01 5.36
C LYS A 207 -9.07 29.13 3.83
N ALA A 208 -8.44 28.21 3.09
CA ALA A 208 -8.70 28.04 1.65
C ALA A 208 -8.40 29.26 0.77
N GLY A 209 -7.49 30.14 1.22
CA GLY A 209 -7.04 31.29 0.45
C GLY A 209 -5.56 31.19 0.19
N GLU A 210 -4.88 32.34 0.06
CA GLU A 210 -3.44 32.37 -0.18
C GLU A 210 -2.72 31.64 0.96
N LYS A 211 -1.73 30.82 0.61
CA LYS A 211 -0.97 30.03 1.57
C LYS A 211 -1.81 29.05 2.42
N ALA A 212 -2.94 28.58 1.89
CA ALA A 212 -3.72 27.52 2.55
C ALA A 212 -2.94 26.20 2.60
N GLU A 213 -2.12 25.95 1.57
CA GLU A 213 -1.22 24.77 1.55
C GLU A 213 -0.28 24.71 2.75
N PHE A 214 0.20 25.88 3.20
CA PHE A 214 1.12 25.95 4.36
C PHE A 214 0.38 25.73 5.68
N ASP A 215 -0.77 26.38 5.84
CA ASP A 215 -1.64 26.11 6.99
C ASP A 215 -2.12 24.67 7.05
N PHE A 216 -2.41 24.07 5.89
CA PHE A 216 -2.81 22.68 5.85
C PHE A 216 -1.73 21.81 6.44
N ASP A 217 -0.50 21.91 5.93
CA ASP A 217 0.63 21.09 6.42
C ASP A 217 0.86 21.28 7.92
N GLU A 218 0.70 22.51 8.42
CA GLU A 218 0.94 22.80 9.84
C GLU A 218 -0.13 22.22 10.77
N PHE A 219 -1.40 22.27 10.37
CA PHE A 219 -2.52 21.96 11.27
C PHE A 219 -3.27 20.64 11.03
N VAL A 220 -2.99 19.94 9.92
CA VAL A 220 -3.74 18.71 9.56
C VAL A 220 -3.75 17.67 10.66
N ILE A 221 -2.57 17.33 11.18
CA ILE A 221 -2.43 16.28 12.19
C ILE A 221 -3.32 16.57 13.41
N ASN A 222 -3.25 17.80 13.93
CA ASN A 222 -3.99 18.18 15.13
C ASN A 222 -5.50 18.27 14.90
N SER A 223 -5.90 18.93 13.80
CA SER A 223 -7.33 19.07 13.46
C SER A 223 -7.99 17.70 13.21
N ALA A 224 -7.24 16.80 12.56
CA ALA A 224 -7.71 15.43 12.31
C ALA A 224 -8.04 14.68 13.61
N LYS A 225 -7.20 14.88 14.62
CA LYS A 225 -7.43 14.31 15.97
C LYS A 225 -8.69 14.83 16.64
N ILE A 226 -8.98 16.13 16.46
CA ILE A 226 -10.20 16.73 17.02
C ILE A 226 -11.45 16.07 16.44
N SER A 227 -11.48 15.94 15.11
CA SER A 227 -12.58 15.28 14.42
C SER A 227 -12.67 13.79 14.77
N ALA A 228 -11.52 13.12 14.76
CA ALA A 228 -11.42 11.70 15.08
C ALA A 228 -11.98 11.34 16.45
N ASN A 229 -11.55 12.10 17.46
CA ASN A 229 -12.04 11.93 18.83
C ASN A 229 -13.56 12.03 18.87
N PHE A 230 -14.09 13.06 18.21
CA PHE A 230 -15.53 13.35 18.25
C PHE A 230 -16.39 12.20 17.70
N VAL A 231 -16.02 11.64 16.54
CA VAL A 231 -16.82 10.54 15.95
C VAL A 231 -16.79 9.26 16.80
N LEU A 232 -15.69 9.01 17.50
CA LEU A 232 -15.62 7.90 18.46
C LEU A 232 -16.56 8.12 19.67
N LYS A 233 -16.69 9.38 20.11
CA LYS A 233 -17.66 9.72 21.16
C LYS A 233 -19.10 9.52 20.73
N MET A 234 -19.39 9.73 19.44
CA MET A 234 -20.72 9.38 18.89
C MET A 234 -20.96 7.88 18.89
N CYS A 235 -19.91 7.09 18.64
CA CYS A 235 -20.01 5.63 18.70
C CYS A 235 -20.38 5.12 20.11
N GLU A 236 -19.90 5.80 21.15
CA GLU A 236 -20.28 5.49 22.53
C GLU A 236 -21.80 5.60 22.73
N LYS A 237 -22.37 6.70 22.23
CA LYS A 237 -23.80 6.99 22.38
C LYS A 237 -24.71 6.28 21.37
N LEU A 238 -24.14 5.65 20.34
CA LEU A 238 -24.92 4.97 19.30
C LEU A 238 -25.40 3.61 19.79
N GLY B 10 -20.01 -19.91 -19.96
CA GLY B 10 -20.02 -18.41 -20.14
C GLY B 10 -19.59 -17.67 -18.87
N MET B 11 -19.97 -16.39 -18.78
CA MET B 11 -19.56 -15.53 -17.68
C MET B 11 -20.48 -14.33 -17.48
N LYS B 12 -20.33 -13.69 -16.32
CA LYS B 12 -21.04 -12.46 -16.00
C LYS B 12 -20.31 -11.26 -16.60
N ILE B 13 -21.05 -10.45 -17.35
CA ILE B 13 -20.50 -9.28 -18.04
C ILE B 13 -21.31 -8.06 -17.64
N ALA B 14 -20.63 -7.01 -17.21
CA ALA B 14 -21.25 -5.71 -17.01
C ALA B 14 -21.08 -4.87 -18.28
N ILE B 15 -22.15 -4.23 -18.72
CA ILE B 15 -22.09 -3.25 -19.80
C ILE B 15 -22.65 -1.95 -19.27
N LEU B 16 -21.84 -0.90 -19.30
CA LEU B 16 -22.15 0.37 -18.62
C LEU B 16 -21.98 1.55 -19.55
N GLY B 17 -23.00 2.43 -19.60
CA GLY B 17 -22.87 3.77 -20.16
C GLY B 17 -23.17 4.81 -19.06
N ALA B 18 -23.13 6.08 -19.43
CA ALA B 18 -23.51 7.18 -18.55
C ALA B 18 -24.98 7.59 -18.73
N MET B 19 -25.45 7.58 -19.98
CA MET B 19 -26.78 8.13 -20.35
C MET B 19 -27.67 7.05 -20.94
N SER B 20 -28.97 7.28 -20.90
CA SER B 20 -29.95 6.36 -21.43
C SER B 20 -29.70 6.07 -22.93
N GLU B 21 -29.29 7.09 -23.67
CA GLU B 21 -28.99 6.94 -25.11
C GLU B 21 -27.86 5.96 -25.39
N GLU B 22 -26.94 5.77 -24.44
CA GLU B 22 -25.80 4.86 -24.60
C GLU B 22 -26.11 3.38 -24.34
N ILE B 23 -27.21 3.12 -23.66
CA ILE B 23 -27.60 1.76 -23.24
C ILE B 23 -28.94 1.28 -23.85
N THR B 24 -29.85 2.20 -24.14
CA THR B 24 -31.15 1.85 -24.77
C THR B 24 -31.04 1.00 -26.06
N PRO B 25 -30.09 1.32 -26.96
CA PRO B 25 -29.92 0.47 -28.16
C PRO B 25 -29.63 -1.00 -27.84
N LEU B 26 -28.88 -1.27 -26.76
CA LEU B 26 -28.63 -2.64 -26.33
C LEU B 26 -29.90 -3.31 -25.77
N LEU B 27 -30.70 -2.58 -25.01
CA LEU B 27 -31.95 -3.13 -24.45
C LEU B 27 -32.96 -3.48 -25.55
N GLU B 28 -33.03 -2.64 -26.59
CA GLU B 28 -33.83 -2.92 -27.78
C GLU B 28 -33.34 -4.15 -28.56
N THR B 29 -32.02 -4.31 -28.70
CA THR B 29 -31.46 -5.50 -29.36
C THR B 29 -31.71 -6.79 -28.57
N LEU B 30 -31.62 -6.72 -27.24
CA LEU B 30 -31.79 -7.89 -26.38
C LEU B 30 -33.26 -8.29 -26.22
N LYS B 31 -34.17 -7.33 -26.32
CA LYS B 31 -35.65 -7.55 -26.23
C LYS B 31 -36.14 -7.97 -24.85
N ASP B 32 -35.68 -9.13 -24.37
CA ASP B 32 -36.10 -9.69 -23.08
C ASP B 32 -35.07 -9.42 -22.00
N TYR B 33 -35.51 -8.77 -20.93
CA TYR B 33 -34.66 -8.48 -19.79
C TYR B 33 -35.50 -8.16 -18.57
N THR B 34 -34.90 -8.35 -17.40
CA THR B 34 -35.55 -7.96 -16.12
C THR B 34 -34.87 -6.70 -15.57
N LYS B 35 -35.61 -5.95 -14.77
CA LYS B 35 -35.11 -4.69 -14.18
C LYS B 35 -35.22 -4.73 -12.66
N ILE B 36 -34.22 -4.15 -11.99
CA ILE B 36 -34.13 -4.15 -10.51
C ILE B 36 -33.70 -2.76 -10.08
N GLU B 37 -34.45 -2.15 -9.16
CA GLU B 37 -34.10 -0.87 -8.57
C GLU B 37 -33.04 -1.11 -7.51
N HIS B 38 -31.84 -0.56 -7.73
CA HIS B 38 -30.80 -0.54 -6.70
C HIS B 38 -29.93 0.72 -6.80
N ALA B 39 -29.56 1.27 -5.64
CA ALA B 39 -28.63 2.40 -5.57
C ALA B 39 -29.13 3.63 -6.32
N ASN B 40 -30.44 3.90 -6.19
CA ASN B 40 -31.12 5.02 -6.84
C ASN B 40 -30.90 5.02 -8.37
N ASN B 41 -31.03 3.83 -8.95
CA ASN B 41 -30.85 3.61 -10.37
C ASN B 41 -31.53 2.30 -10.76
N THR B 42 -31.55 1.97 -12.04
CA THR B 42 -32.10 0.70 -12.52
C THR B 42 -30.99 -0.12 -13.16
N TYR B 43 -30.91 -1.38 -12.75
CA TYR B 43 -29.98 -2.35 -13.32
C TYR B 43 -30.81 -3.38 -14.10
N TYR B 44 -30.34 -3.68 -15.31
CA TYR B 44 -31.04 -4.53 -16.28
C TYR B 44 -30.30 -5.84 -16.45
N PHE B 45 -31.04 -6.95 -16.52
CA PHE B 45 -30.44 -8.29 -16.59
C PHE B 45 -31.00 -9.07 -17.77
N ALA B 46 -30.08 -9.63 -18.57
CA ALA B 46 -30.43 -10.33 -19.80
C ALA B 46 -29.43 -11.44 -20.07
N LYS B 47 -29.91 -12.54 -20.65
CA LYS B 47 -29.04 -13.62 -21.16
C LYS B 47 -28.63 -13.28 -22.59
N TYR B 48 -27.42 -13.68 -22.97
CA TYR B 48 -26.91 -13.47 -24.32
C TYR B 48 -25.78 -14.45 -24.64
N LYS B 49 -26.04 -15.41 -25.53
CA LYS B 49 -25.03 -16.38 -26.03
C LYS B 49 -24.17 -17.12 -24.96
N ASP B 50 -24.82 -17.72 -23.97
CA ASP B 50 -24.13 -18.37 -22.82
C ASP B 50 -23.73 -17.41 -21.68
N HIS B 51 -23.84 -16.09 -21.90
CA HIS B 51 -23.41 -15.10 -20.91
C HIS B 51 -24.59 -14.55 -20.15
N GLU B 52 -24.32 -14.07 -18.95
CA GLU B 52 -25.29 -13.35 -18.12
C GLU B 52 -24.84 -11.88 -18.15
N LEU B 53 -25.72 -11.00 -18.65
CA LEU B 53 -25.38 -9.59 -18.76
C LEU B 53 -26.05 -8.81 -17.66
N VAL B 54 -25.33 -7.81 -17.13
CA VAL B 54 -25.94 -6.77 -16.31
C VAL B 54 -25.60 -5.42 -16.98
N LEU B 55 -26.63 -4.62 -17.24
CA LEU B 55 -26.48 -3.35 -17.93
C LEU B 55 -27.08 -2.23 -17.13
N ALA B 56 -26.54 -1.04 -17.30
CA ALA B 56 -27.07 0.17 -16.70
C ALA B 56 -26.48 1.39 -17.35
N TYR B 57 -27.19 2.50 -17.22
CA TYR B 57 -26.59 3.81 -17.40
C TYR B 57 -26.48 4.43 -15.99
N SER B 58 -25.29 4.95 -15.69
CA SER B 58 -24.93 5.40 -14.35
C SER B 58 -25.52 6.73 -13.93
N LYS B 59 -25.91 7.54 -14.92
CA LYS B 59 -26.03 9.00 -14.81
C LYS B 59 -24.65 9.63 -14.93
N ILE B 60 -24.65 10.91 -15.24
CA ILE B 60 -23.43 11.57 -15.71
C ILE B 60 -22.38 11.78 -14.63
N GLY B 61 -21.12 11.55 -14.99
CA GLY B 61 -20.00 11.97 -14.16
C GLY B 61 -19.24 10.89 -13.39
N LYS B 62 -18.22 11.36 -12.66
CA LYS B 62 -17.25 10.45 -12.04
C LYS B 62 -17.81 9.70 -10.83
N VAL B 63 -18.51 10.39 -9.95
CA VAL B 63 -19.10 9.75 -8.77
C VAL B 63 -20.16 8.72 -9.16
N ASN B 64 -21.11 9.13 -9.99
CA ASN B 64 -22.19 8.22 -10.46
C ASN B 64 -21.64 6.96 -11.16
N SER B 65 -20.68 7.15 -12.06
CA SER B 65 -20.07 6.05 -12.78
C SER B 65 -19.26 5.14 -11.85
N THR B 66 -18.54 5.72 -10.89
CA THR B 66 -17.80 4.97 -9.86
C THR B 66 -18.74 4.05 -9.07
N LEU B 67 -19.90 4.57 -8.68
CA LEU B 67 -20.86 3.80 -7.90
C LEU B 67 -21.45 2.65 -8.72
N SER B 68 -21.83 2.91 -9.96
CA SER B 68 -22.38 1.86 -10.85
C SER B 68 -21.38 0.72 -11.08
N ALA B 69 -20.14 1.06 -11.42
CA ALA B 69 -19.09 0.05 -11.57
C ALA B 69 -18.94 -0.82 -10.32
N SER B 70 -18.89 -0.18 -9.15
CA SER B 70 -18.73 -0.88 -7.87
C SER B 70 -19.91 -1.80 -7.54
N VAL B 71 -21.13 -1.30 -7.73
CA VAL B 71 -22.36 -2.09 -7.54
C VAL B 71 -22.41 -3.30 -8.49
N MET B 72 -22.07 -3.10 -9.76
CA MET B 72 -22.14 -4.17 -10.76
C MET B 72 -21.16 -5.31 -10.46
N ILE B 73 -19.95 -4.95 -10.00
CA ILE B 73 -18.94 -5.94 -9.61
C ILE B 73 -19.26 -6.57 -8.25
N GLU B 74 -19.43 -5.75 -7.22
CA GLU B 74 -19.53 -6.26 -5.83
C GLU B 74 -20.87 -6.91 -5.48
N LYS B 75 -21.98 -6.27 -5.81
CA LYS B 75 -23.31 -6.84 -5.54
C LYS B 75 -23.74 -7.86 -6.62
N PHE B 76 -23.56 -7.51 -7.89
CA PHE B 76 -24.03 -8.35 -8.99
C PHE B 76 -23.00 -9.28 -9.65
N GLY B 77 -21.77 -9.33 -9.10
CA GLY B 77 -20.78 -10.33 -9.48
C GLY B 77 -20.21 -10.31 -10.90
N ALA B 78 -20.19 -9.14 -11.53
CA ALA B 78 -19.61 -9.02 -12.88
C ALA B 78 -18.14 -9.40 -12.89
N GLN B 79 -17.74 -10.22 -13.86
CA GLN B 79 -16.36 -10.69 -14.02
C GLN B 79 -15.58 -9.90 -15.08
N VAL B 80 -16.31 -9.13 -15.88
CA VAL B 80 -15.73 -8.32 -16.94
C VAL B 80 -16.66 -7.10 -17.04
N LEU B 81 -16.07 -5.93 -17.32
CA LEU B 81 -16.86 -4.71 -17.52
C LEU B 81 -16.46 -4.04 -18.84
N LEU B 82 -17.47 -3.79 -19.68
CA LEU B 82 -17.29 -3.10 -20.95
C LEU B 82 -18.03 -1.76 -20.82
N PHE B 83 -17.32 -0.65 -21.04
CA PHE B 83 -17.96 0.67 -21.05
C PHE B 83 -18.21 1.12 -22.49
N THR B 84 -19.44 1.59 -22.75
CA THR B 84 -19.87 2.04 -24.07
C THR B 84 -20.54 3.40 -23.98
N GLY B 85 -20.12 4.33 -24.81
CA GLY B 85 -20.77 5.63 -24.86
C GLY B 85 -20.13 6.52 -25.91
N VAL B 86 -20.26 7.83 -25.70
CA VAL B 86 -19.74 8.82 -26.66
C VAL B 86 -18.66 9.66 -26.00
N ALA B 87 -17.99 10.49 -26.79
CA ALA B 87 -16.88 11.31 -26.27
C ALA B 87 -16.64 12.54 -27.14
N GLY B 88 -15.90 13.50 -26.58
CA GLY B 88 -15.45 14.69 -27.31
C GLY B 88 -14.08 14.46 -27.89
N ALA B 89 -13.91 14.71 -29.19
CA ALA B 89 -12.67 14.43 -29.88
C ALA B 89 -11.65 15.57 -29.69
N PHE B 90 -10.41 15.17 -29.39
CA PHE B 90 -9.25 16.07 -29.29
C PHE B 90 -8.29 15.86 -30.47
N ASN B 91 -8.03 14.60 -30.80
CA ASN B 91 -7.13 14.25 -31.92
C ASN B 91 -7.79 14.70 -33.25
N PRO B 92 -7.10 15.56 -34.03
CA PRO B 92 -7.71 16.12 -35.25
C PRO B 92 -8.04 15.08 -36.33
N GLU B 93 -7.39 13.91 -36.30
CA GLU B 93 -7.73 12.80 -37.19
C GLU B 93 -9.03 12.08 -36.84
N LEU B 94 -9.59 12.31 -35.65
CA LEU B 94 -10.89 11.75 -35.29
C LEU B 94 -12.02 12.60 -35.86
N GLU B 95 -12.95 11.94 -36.56
CA GLU B 95 -14.18 12.55 -37.01
C GLU B 95 -15.33 12.08 -36.16
N ILE B 96 -16.45 12.80 -36.26
CA ILE B 96 -17.66 12.41 -35.57
C ILE B 96 -18.10 11.02 -36.02
N GLY B 97 -18.47 10.19 -35.05
CA GLY B 97 -18.81 8.79 -35.30
C GLY B 97 -17.66 7.80 -35.18
N ASP B 98 -16.40 8.27 -35.20
CA ASP B 98 -15.24 7.35 -35.12
C ASP B 98 -15.12 6.68 -33.77
N LEU B 99 -14.68 5.42 -33.78
CA LEU B 99 -14.50 4.63 -32.56
C LEU B 99 -13.08 4.76 -32.03
N LEU B 100 -12.99 4.97 -30.71
CA LEU B 100 -11.72 5.02 -30.00
C LEU B 100 -11.87 4.18 -28.74
N TYR B 101 -10.92 3.27 -28.51
CA TYR B 101 -10.79 2.58 -27.22
C TYR B 101 -9.60 3.16 -26.45
N ALA B 102 -9.74 3.24 -25.13
CA ALA B 102 -8.71 3.84 -24.27
C ALA B 102 -7.69 2.78 -23.88
N THR B 103 -6.41 3.04 -24.15
CA THR B 103 -5.32 2.20 -23.64
C THR B 103 -5.05 2.59 -22.19
N LYS B 104 -5.17 3.88 -21.89
CA LYS B 104 -5.02 4.37 -20.52
C LYS B 104 -5.76 5.69 -20.32
N LEU B 105 -6.06 6.04 -19.07
CA LEU B 105 -6.91 7.20 -18.78
C LEU B 105 -6.46 7.94 -17.54
N ALA B 106 -6.74 9.25 -17.52
CA ALA B 106 -6.42 10.13 -16.41
C ALA B 106 -7.59 11.05 -16.06
N GLN B 107 -7.61 11.51 -14.81
CA GLN B 107 -8.57 12.49 -14.35
C GLN B 107 -7.90 13.87 -14.46
N TYR B 108 -8.27 14.66 -15.47
CA TYR B 108 -7.65 16.00 -15.68
C TYR B 108 -8.02 17.05 -14.61
N ASP B 109 -9.02 16.78 -13.78
CA ASP B 109 -9.54 17.75 -12.82
C ASP B 109 -9.28 17.36 -11.35
N LEU B 110 -8.48 16.31 -11.14
CA LEU B 110 -8.00 15.93 -9.83
C LEU B 110 -6.68 16.69 -9.63
N ASP B 111 -6.70 17.68 -8.73
CA ASP B 111 -5.70 18.73 -8.70
C ASP B 111 -5.27 19.04 -7.27
N ILE B 112 -4.12 18.52 -6.87
CA ILE B 112 -3.43 18.94 -5.66
C ILE B 112 -2.07 19.51 -6.04
N THR B 113 -2.01 20.20 -7.20
CA THR B 113 -0.76 20.77 -7.71
C THR B 113 -0.17 21.83 -6.78
N ALA B 114 -1.00 22.42 -5.92
CA ALA B 114 -0.50 23.33 -4.88
C ALA B 114 0.59 22.72 -3.96
N PHE B 115 0.62 21.39 -3.84
CA PHE B 115 1.66 20.68 -3.09
C PHE B 115 2.84 20.19 -3.95
N GLY B 116 2.93 20.67 -5.19
CA GLY B 116 4.02 20.30 -6.10
C GLY B 116 3.93 18.94 -6.77
N HIS B 117 2.74 18.35 -6.79
CA HIS B 117 2.52 17.07 -7.50
C HIS B 117 1.99 17.39 -8.93
N PRO B 118 2.18 16.48 -9.89
CA PRO B 118 1.58 16.70 -11.21
C PRO B 118 0.03 16.65 -11.20
N LEU B 119 -0.59 17.34 -12.17
CA LEU B 119 -2.05 17.32 -12.32
C LEU B 119 -2.52 15.88 -12.57
N GLY B 120 -3.58 15.48 -11.87
CA GLY B 120 -4.12 14.11 -12.00
C GLY B 120 -3.62 13.11 -10.96
N PHE B 121 -2.63 13.50 -10.14
CA PHE B 121 -2.00 12.61 -9.19
C PHE B 121 -2.51 12.87 -7.77
N VAL B 122 -2.82 11.79 -7.06
CA VAL B 122 -2.91 11.82 -5.59
C VAL B 122 -2.09 10.65 -5.04
N PRO B 123 -1.57 10.77 -3.79
CA PRO B 123 -0.76 9.68 -3.21
C PRO B 123 -1.49 8.34 -3.11
N GLY B 124 -0.76 7.25 -3.33
CA GLY B 124 -1.32 5.90 -3.41
C GLY B 124 -1.74 5.45 -4.81
N ASN B 125 -1.94 6.39 -5.73
CA ASN B 125 -2.45 6.12 -7.08
C ASN B 125 -1.48 6.59 -8.17
N GLU B 126 -1.70 6.13 -9.40
CA GLU B 126 -0.98 6.59 -10.59
C GLU B 126 -1.77 7.72 -11.26
N ILE B 127 -1.10 8.51 -12.09
CA ILE B 127 -1.78 9.49 -12.94
C ILE B 127 -2.65 8.80 -14.00
N PHE B 128 -2.10 7.79 -14.68
CA PHE B 128 -2.85 7.02 -15.69
C PHE B 128 -3.25 5.64 -15.19
N ILE B 129 -4.51 5.27 -15.41
CA ILE B 129 -4.99 3.92 -15.13
C ILE B 129 -5.13 3.18 -16.47
N LYS B 130 -4.71 1.92 -16.51
CA LYS B 130 -4.71 1.10 -17.72
C LYS B 130 -5.93 0.21 -17.85
N THR B 131 -6.31 -0.09 -19.09
CA THR B 131 -7.37 -1.05 -19.41
C THR B 131 -6.74 -2.42 -19.67
N ASP B 132 -7.58 -3.44 -19.76
CA ASP B 132 -7.11 -4.80 -19.92
C ASP B 132 -6.59 -5.08 -21.33
N GLU B 133 -5.39 -5.64 -21.41
CA GLU B 133 -4.69 -5.84 -22.69
C GLU B 133 -5.38 -6.91 -23.55
N LYS B 134 -5.84 -7.99 -22.91
CA LYS B 134 -6.54 -9.07 -23.62
C LYS B 134 -7.85 -8.61 -24.24
N LEU B 135 -8.64 -7.83 -23.50
CA LEU B 135 -9.89 -7.25 -24.06
C LEU B 135 -9.61 -6.29 -25.21
N ASN B 136 -8.54 -5.49 -25.09
CA ASN B 136 -8.12 -4.59 -26.17
C ASN B 136 -7.72 -5.36 -27.44
N ASN B 137 -7.03 -6.49 -27.29
CA ASN B 137 -6.67 -7.33 -28.45
C ASN B 137 -7.89 -8.00 -29.06
N LEU B 138 -8.83 -8.45 -28.21
CA LEU B 138 -10.10 -8.97 -28.67
C LEU B 138 -10.85 -7.91 -29.50
N ALA B 139 -10.86 -6.66 -29.03
CA ALA B 139 -11.47 -5.55 -29.79
C ALA B 139 -10.84 -5.38 -31.17
N LEU B 140 -9.51 -5.49 -31.24
CA LEU B 140 -8.79 -5.36 -32.53
C LEU B 140 -9.16 -6.47 -33.52
N GLU B 141 -9.33 -7.70 -33.05
CA GLU B 141 -9.76 -8.82 -33.90
C GLU B 141 -11.19 -8.66 -34.39
N VAL B 142 -12.10 -8.25 -33.51
CA VAL B 142 -13.50 -7.94 -33.88
C VAL B 142 -13.56 -6.81 -34.89
N ALA B 143 -12.67 -5.82 -34.77
CA ALA B 143 -12.59 -4.71 -35.71
C ALA B 143 -12.12 -5.18 -37.09
N LYS B 144 -11.08 -6.00 -37.13
CA LYS B 144 -10.57 -6.60 -38.36
C LYS B 144 -11.62 -7.51 -39.03
N GLU B 145 -12.20 -8.38 -38.22
CA GLU B 145 -13.21 -9.35 -38.67
C GLU B 145 -14.40 -8.68 -39.37
N LEU B 146 -14.94 -7.62 -38.77
CA LEU B 146 -16.11 -6.92 -39.32
C LEU B 146 -15.81 -5.63 -40.07
N ASN B 147 -14.58 -5.47 -40.60
CA ASN B 147 -14.19 -4.27 -41.35
C ASN B 147 -14.69 -2.93 -40.72
N ILE B 148 -14.45 -2.77 -39.42
CA ILE B 148 -14.75 -1.54 -38.69
C ILE B 148 -13.41 -0.86 -38.35
N LYS B 149 -13.37 0.45 -38.55
CA LYS B 149 -12.19 1.25 -38.23
C LYS B 149 -12.15 1.48 -36.72
N LEU B 150 -11.04 1.12 -36.07
CA LEU B 150 -10.90 1.28 -34.60
C LEU B 150 -9.53 1.86 -34.24
N ARG B 151 -9.53 2.88 -33.41
CA ARG B 151 -8.31 3.61 -33.04
C ARG B 151 -8.03 3.44 -31.54
N ALA B 152 -6.75 3.28 -31.20
CA ALA B 152 -6.29 3.22 -29.80
C ALA B 152 -5.84 4.62 -29.36
N GLY B 153 -5.98 4.92 -28.07
CA GLY B 153 -5.65 6.26 -27.58
C GLY B 153 -5.78 6.46 -26.08
N ILE B 154 -5.50 7.68 -25.67
CA ILE B 154 -5.53 8.12 -24.28
C ILE B 154 -6.80 8.97 -24.11
N ILE B 155 -7.61 8.66 -23.09
CA ILE B 155 -8.78 9.46 -22.75
C ILE B 155 -8.55 10.22 -21.45
N ALA B 156 -8.91 11.50 -21.44
CA ALA B 156 -8.87 12.36 -20.27
C ALA B 156 -10.29 12.52 -19.72
N THR B 157 -10.49 12.19 -18.46
CA THR B 157 -11.80 12.18 -17.81
C THR B 157 -11.89 13.34 -16.82
N GLY B 158 -13.05 13.98 -16.74
CA GLY B 158 -13.30 14.99 -15.71
C GLY B 158 -14.77 15.34 -15.69
N ASP B 159 -15.19 16.13 -14.71
CA ASP B 159 -16.61 16.37 -14.44
C ASP B 159 -17.13 17.66 -15.09
N GLU B 160 -16.53 18.07 -16.22
CA GLU B 160 -16.97 19.20 -16.97
C GLU B 160 -17.27 18.76 -18.40
N PHE B 161 -18.36 19.25 -18.99
CA PHE B 161 -18.56 19.17 -20.45
C PHE B 161 -17.64 20.20 -21.11
N ILE B 162 -16.71 19.73 -21.93
CA ILE B 162 -15.67 20.59 -22.53
C ILE B 162 -16.16 21.13 -23.85
N CYS B 163 -16.25 22.46 -23.94
CA CYS B 163 -16.74 23.13 -25.16
C CYS B 163 -16.04 24.47 -25.35
N ASP B 164 -14.72 24.41 -25.31
CA ASP B 164 -13.86 25.59 -25.24
C ASP B 164 -12.50 25.17 -25.81
N GLU B 165 -12.00 25.95 -26.77
CA GLU B 165 -10.74 25.61 -27.45
C GLU B 165 -9.51 25.67 -26.57
N ALA B 166 -9.47 26.65 -25.68
CA ALA B 166 -8.38 26.79 -24.70
C ALA B 166 -8.29 25.59 -23.76
N LYS B 167 -9.43 25.20 -23.19
CA LYS B 167 -9.48 24.04 -22.29
C LYS B 167 -9.11 22.75 -23.01
N LYS B 168 -9.70 22.56 -24.20
CA LYS B 168 -9.39 21.44 -25.07
C LYS B 168 -7.88 21.32 -25.30
N ALA B 169 -7.27 22.43 -25.72
CA ALA B 169 -5.83 22.48 -26.00
C ALA B 169 -5.00 22.12 -24.78
N LYS B 170 -5.36 22.71 -23.63
CA LYS B 170 -4.66 22.50 -22.36
C LYS B 170 -4.67 21.03 -21.95
N ILE B 171 -5.85 20.41 -21.94
CA ILE B 171 -5.97 19.02 -21.49
C ILE B 171 -5.23 18.09 -22.43
N ARG B 172 -5.36 18.34 -23.74
CA ARG B 172 -4.64 17.59 -24.78
C ARG B 172 -3.11 17.68 -24.60
N GLU B 173 -2.62 18.90 -24.36
CA GLU B 173 -1.19 19.16 -24.15
C GLU B 173 -0.66 18.40 -22.92
N ILE B 174 -1.37 18.50 -21.80
CA ILE B 174 -0.87 17.96 -20.52
C ILE B 174 -0.86 16.44 -20.50
N PHE B 175 -1.88 15.81 -21.07
CA PHE B 175 -2.05 14.36 -20.96
C PHE B 175 -1.87 13.59 -22.27
N ASN B 176 -1.57 14.29 -23.37
CA ASN B 176 -1.50 13.67 -24.69
C ASN B 176 -2.79 12.91 -25.02
N ALA B 177 -3.93 13.55 -24.69
CA ALA B 177 -5.24 12.89 -24.78
C ALA B 177 -5.82 13.03 -26.18
N ASP B 178 -6.42 11.93 -26.65
CA ASP B 178 -7.11 11.90 -27.95
C ASP B 178 -8.59 12.24 -27.88
N ALA B 179 -9.20 12.09 -26.69
CA ALA B 179 -10.59 12.47 -26.45
C ALA B 179 -10.85 12.74 -24.95
N CYS B 180 -11.97 13.40 -24.67
CA CYS B 180 -12.36 13.71 -23.32
C CYS B 180 -13.74 13.17 -23.06
N GLU B 181 -14.01 12.90 -21.78
CA GLU B 181 -15.31 12.44 -21.37
C GLU B 181 -15.43 12.53 -19.83
N MET B 182 -16.49 12.01 -19.23
CA MET B 182 -16.77 12.29 -17.82
C MET B 182 -16.90 11.04 -16.93
N GLU B 183 -16.64 9.84 -17.49
CA GLU B 183 -16.77 8.59 -16.74
C GLU B 183 -15.66 7.52 -16.88
N GLY B 184 -14.70 7.72 -17.78
CA GLY B 184 -13.80 6.63 -18.17
C GLY B 184 -12.81 6.22 -17.09
N ALA B 185 -11.98 7.19 -16.69
CA ALA B 185 -10.92 6.96 -15.69
C ALA B 185 -11.47 6.43 -14.37
N SER B 186 -12.65 6.92 -13.98
CA SER B 186 -13.31 6.48 -12.76
C SER B 186 -13.72 5.01 -12.83
N VAL B 187 -14.35 4.61 -13.94
CA VAL B 187 -14.76 3.21 -14.13
C VAL B 187 -13.52 2.29 -14.19
N ALA B 188 -12.51 2.70 -14.95
CA ALA B 188 -11.24 1.95 -15.08
C ALA B 188 -10.54 1.74 -13.74
N LEU B 189 -10.52 2.79 -12.91
CA LEU B 189 -9.96 2.71 -11.56
C LEU B 189 -10.70 1.68 -10.71
N VAL B 190 -12.02 1.74 -10.68
CA VAL B 190 -12.81 0.77 -9.91
C VAL B 190 -12.51 -0.66 -10.32
N CYS B 191 -12.48 -0.93 -11.64
CA CYS B 191 -12.28 -2.26 -12.15
C CYS B 191 -10.89 -2.78 -11.81
N ASP B 192 -9.88 -1.92 -11.95
CA ASP B 192 -8.51 -2.29 -11.61
C ASP B 192 -8.39 -2.60 -10.11
N ALA B 193 -8.94 -1.72 -9.28
CA ALA B 193 -8.93 -1.94 -7.83
C ALA B 193 -9.62 -3.25 -7.41
N LEU B 194 -10.74 -3.57 -8.07
CA LEU B 194 -11.48 -4.81 -7.78
C LEU B 194 -11.03 -6.02 -8.63
N LYS B 195 -9.97 -5.87 -9.42
CA LYS B 195 -9.34 -6.95 -10.18
C LYS B 195 -10.26 -7.54 -11.28
N VAL B 196 -10.99 -6.65 -11.95
CA VAL B 196 -11.86 -7.02 -13.06
C VAL B 196 -11.29 -6.43 -14.35
N PRO B 197 -11.16 -7.24 -15.41
CA PRO B 197 -10.79 -6.70 -16.72
C PRO B 197 -11.78 -5.63 -17.22
N CYS B 198 -11.23 -4.48 -17.61
CA CYS B 198 -12.00 -3.34 -18.08
C CYS B 198 -11.67 -2.98 -19.53
N PHE B 199 -12.70 -2.57 -20.27
CA PHE B 199 -12.56 -2.10 -21.65
C PHE B 199 -13.43 -0.84 -21.82
N ILE B 200 -12.82 0.24 -22.30
CA ILE B 200 -13.50 1.52 -22.47
C ILE B 200 -13.56 1.90 -23.94
N LEU B 201 -14.78 1.94 -24.49
CA LEU B 201 -15.01 2.30 -25.90
C LEU B 201 -15.90 3.53 -26.00
N ARG B 202 -15.50 4.45 -26.88
CA ARG B 202 -16.24 5.70 -27.10
C ARG B 202 -16.34 6.00 -28.59
N ALA B 203 -17.52 6.41 -29.04
CA ALA B 203 -17.73 6.95 -30.37
C ALA B 203 -17.87 8.47 -30.27
N MET B 204 -17.20 9.21 -31.16
CA MET B 204 -17.18 10.66 -31.04
C MET B 204 -18.55 11.27 -31.38
N SER B 205 -19.06 12.12 -30.50
CA SER B 205 -20.28 12.89 -30.72
C SER B 205 -20.04 14.36 -31.07
N ASP B 206 -18.82 14.84 -30.86
CA ASP B 206 -18.47 16.26 -31.05
C ASP B 206 -16.96 16.44 -31.00
N LYS B 207 -16.50 17.68 -31.19
CA LYS B 207 -15.04 17.99 -31.18
C LYS B 207 -14.61 18.88 -30.01
N ALA B 208 -15.48 19.04 -29.02
CA ALA B 208 -15.11 19.62 -27.72
C ALA B 208 -14.60 21.08 -27.77
N GLY B 209 -15.00 21.83 -28.78
CA GLY B 209 -14.68 23.26 -28.91
C GLY B 209 -15.97 24.06 -28.91
N GLU B 210 -15.96 25.22 -29.58
CA GLU B 210 -17.15 26.09 -29.62
C GLU B 210 -18.32 25.34 -30.24
N LYS B 211 -19.50 25.48 -29.64
CA LYS B 211 -20.71 24.78 -30.12
C LYS B 211 -20.61 23.23 -30.10
N ALA B 212 -19.79 22.68 -29.21
CA ALA B 212 -19.76 21.22 -28.99
C ALA B 212 -21.09 20.72 -28.43
N GLU B 213 -21.75 21.53 -27.61
CA GLU B 213 -23.09 21.22 -27.08
C GLU B 213 -24.12 20.95 -28.19
N PHE B 214 -24.02 21.69 -29.31
CA PHE B 214 -24.94 21.52 -30.44
C PHE B 214 -24.64 20.25 -31.24
N ASP B 215 -23.36 20.01 -31.53
CA ASP B 215 -22.93 18.75 -32.13
C ASP B 215 -23.26 17.53 -31.27
N PHE B 216 -23.12 17.68 -29.95
CA PHE B 216 -23.47 16.60 -29.04
C PHE B 216 -24.94 16.22 -29.22
N ASP B 217 -25.84 17.19 -29.11
CA ASP B 217 -27.29 16.93 -29.24
C ASP B 217 -27.64 16.29 -30.60
N GLU B 218 -26.96 16.73 -31.66
CA GLU B 218 -27.24 16.22 -33.01
C GLU B 218 -26.78 14.78 -33.21
N PHE B 219 -25.60 14.42 -32.69
CA PHE B 219 -24.96 13.13 -33.03
C PHE B 219 -24.95 12.05 -31.94
N VAL B 220 -25.36 12.38 -30.71
CA VAL B 220 -25.31 11.42 -29.58
C VAL B 220 -26.03 10.11 -29.86
N ILE B 221 -27.29 10.19 -30.31
CA ILE B 221 -28.09 8.98 -30.55
C ILE B 221 -27.40 8.02 -31.50
N ASN B 222 -26.92 8.55 -32.64
CA ASN B 222 -26.30 7.71 -33.68
C ASN B 222 -24.92 7.16 -33.25
N SER B 223 -24.09 8.02 -32.68
CA SER B 223 -22.75 7.61 -32.21
C SER B 223 -22.83 6.55 -31.08
N ALA B 224 -23.82 6.71 -30.21
CA ALA B 224 -24.08 5.77 -29.12
C ALA B 224 -24.39 4.37 -29.65
N LYS B 225 -25.17 4.31 -30.73
CA LYS B 225 -25.48 3.04 -31.43
C LYS B 225 -24.25 2.35 -32.01
N ILE B 226 -23.33 3.13 -32.57
CA ILE B 226 -22.07 2.59 -33.11
C ILE B 226 -21.26 1.89 -32.03
N SER B 227 -21.09 2.57 -30.90
CA SER B 227 -20.37 2.02 -29.76
C SER B 227 -21.10 0.82 -29.15
N ALA B 228 -22.42 0.97 -28.98
CA ALA B 228 -23.28 -0.07 -28.42
C ALA B 228 -23.20 -1.38 -29.19
N ASN B 229 -23.36 -1.29 -30.52
CA ASN B 229 -23.26 -2.45 -31.40
C ASN B 229 -21.93 -3.16 -31.20
N PHE B 230 -20.84 -2.38 -31.18
CA PHE B 230 -19.49 -2.94 -31.09
C PHE B 230 -19.26 -3.77 -29.83
N VAL B 231 -19.65 -3.26 -28.66
CA VAL B 231 -19.44 -4.01 -27.40
C VAL B 231 -20.25 -5.31 -27.33
N LEU B 232 -21.43 -5.33 -27.94
CA LEU B 232 -22.21 -6.57 -28.08
C LEU B 232 -21.53 -7.60 -28.99
N LYS B 233 -20.84 -7.13 -30.04
CA LYS B 233 -20.04 -8.02 -30.89
C LYS B 233 -18.85 -8.61 -30.16
N MET B 234 -18.29 -7.88 -29.20
CA MET B 234 -17.24 -8.44 -28.32
C MET B 234 -17.81 -9.52 -27.39
N CYS B 235 -19.04 -9.34 -26.93
CA CYS B 235 -19.72 -10.36 -26.12
C CYS B 235 -19.91 -11.69 -26.87
N GLU B 236 -20.14 -11.63 -28.18
CA GLU B 236 -20.19 -12.83 -29.03
C GLU B 236 -18.89 -13.62 -28.96
N LYS B 237 -17.77 -12.93 -29.08
CA LYS B 237 -16.43 -13.56 -29.06
C LYS B 237 -15.89 -13.88 -27.66
N LEU B 238 -16.53 -13.38 -26.61
CA LEU B 238 -16.07 -13.59 -25.23
C LEU B 238 -16.47 -14.97 -24.72
N GLY C 10 12.23 -36.15 -8.55
CA GLY C 10 12.29 -34.65 -8.50
C GLY C 10 12.70 -34.11 -7.14
N MET C 11 12.39 -32.84 -6.89
CA MET C 11 12.75 -32.17 -5.65
C MET C 11 11.87 -30.96 -5.35
N LYS C 12 11.97 -30.49 -4.10
CA LYS C 12 11.28 -29.28 -3.66
C LYS C 12 12.13 -28.06 -4.03
N ILE C 13 11.49 -27.10 -4.71
CA ILE C 13 12.16 -25.89 -5.17
C ILE C 13 11.37 -24.69 -4.66
N ALA C 14 12.08 -23.75 -4.02
CA ALA C 14 11.50 -22.46 -3.67
C ALA C 14 11.82 -21.47 -4.78
N ILE C 15 10.81 -20.70 -5.19
CA ILE C 15 11.00 -19.59 -6.13
C ILE C 15 10.47 -18.35 -5.45
N LEU C 16 11.34 -17.34 -5.27
CA LEU C 16 11.03 -16.18 -4.43
C LEU C 16 11.35 -14.88 -5.18
N GLY C 17 10.39 -13.95 -5.17
CA GLY C 17 10.62 -12.56 -5.52
C GLY C 17 10.30 -11.66 -4.32
N ALA C 18 10.46 -10.35 -4.51
CA ALA C 18 10.06 -9.35 -3.51
C ALA C 18 8.64 -8.82 -3.74
N MET C 19 8.26 -8.65 -5.01
CA MET C 19 7.01 -7.98 -5.40
C MET C 19 6.12 -8.92 -6.20
N SER C 20 4.82 -8.60 -6.19
CA SER C 20 3.83 -9.39 -6.93
C SER C 20 4.17 -9.49 -8.42
N GLU C 21 4.70 -8.42 -9.00
CA GLU C 21 5.10 -8.39 -10.41
C GLU C 21 6.19 -9.41 -10.75
N GLU C 22 7.02 -9.78 -9.77
CA GLU C 22 8.12 -10.72 -10.00
C GLU C 22 7.71 -12.20 -9.94
N ILE C 23 6.54 -12.48 -9.38
CA ILE C 23 6.04 -13.86 -9.16
C ILE C 23 4.72 -14.16 -9.92
N THR C 24 3.88 -13.15 -10.14
CA THR C 24 2.62 -13.34 -10.88
C THR C 24 2.76 -14.02 -12.25
N PRO C 25 3.78 -13.64 -13.05
CA PRO C 25 3.99 -14.33 -14.34
C PRO C 25 4.16 -15.85 -14.22
N LEU C 26 4.82 -16.30 -13.15
CA LEU C 26 4.97 -17.74 -12.90
C LEU C 26 3.63 -18.40 -12.50
N LEU C 27 2.83 -17.72 -11.68
CA LEU C 27 1.52 -18.27 -11.28
C LEU C 27 0.56 -18.41 -12.48
N GLU C 28 0.61 -17.44 -13.38
CA GLU C 28 -0.13 -17.51 -14.65
C GLU C 28 0.34 -18.64 -15.56
N THR C 29 1.66 -18.87 -15.64
CA THR C 29 2.19 -19.99 -16.43
C THR C 29 1.81 -21.36 -15.84
N LEU C 30 1.83 -21.47 -14.52
CA LEU C 30 1.53 -22.73 -13.84
C LEU C 30 0.04 -23.07 -13.80
N LYS C 31 -0.82 -22.04 -13.83
CA LYS C 31 -2.30 -22.19 -13.86
C LYS C 31 -2.92 -22.78 -12.59
N ASP C 32 -2.55 -24.02 -12.26
CA ASP C 32 -3.12 -24.73 -11.10
C ASP C 32 -2.15 -24.70 -9.92
N TYR C 33 -2.62 -24.18 -8.80
CA TYR C 33 -1.81 -24.11 -7.58
C TYR C 33 -2.69 -23.93 -6.35
N THR C 34 -2.17 -24.29 -5.20
CA THR C 34 -2.84 -24.14 -3.90
C THR C 34 -2.16 -23.01 -3.11
N LYS C 35 -2.89 -22.42 -2.16
CA LYS C 35 -2.38 -21.33 -1.33
C LYS C 35 -2.45 -21.67 0.15
N ILE C 36 -1.49 -21.14 0.91
CA ILE C 36 -1.44 -21.23 2.37
C ILE C 36 -1.12 -19.86 2.93
N GLU C 37 -1.95 -19.36 3.85
CA GLU C 37 -1.64 -18.11 4.57
C GLU C 37 -0.68 -18.45 5.70
N HIS C 38 0.54 -17.91 5.63
CA HIS C 38 1.53 -18.06 6.71
C HIS C 38 2.46 -16.86 6.79
N ALA C 39 2.82 -16.46 8.01
CA ALA C 39 3.81 -15.40 8.24
C ALA C 39 3.39 -14.08 7.63
N ASN C 40 2.08 -13.76 7.73
CA ASN C 40 1.48 -12.55 7.20
C ASN C 40 1.77 -12.38 5.70
N ASN C 41 1.61 -13.47 4.96
CA ASN C 41 1.89 -13.52 3.54
C ASN C 41 1.15 -14.75 2.96
N THR C 42 1.21 -14.92 1.64
CA THR C 42 0.64 -16.11 1.00
C THR C 42 1.75 -16.89 0.32
N TYR C 43 1.78 -18.19 0.55
CA TYR C 43 2.71 -19.10 -0.11
C TYR C 43 1.91 -19.99 -1.05
N TYR C 44 2.43 -20.16 -2.26
CA TYR C 44 1.76 -20.84 -3.38
C TYR C 44 2.47 -22.15 -3.69
N PHE C 45 1.69 -23.20 -3.96
CA PHE C 45 2.23 -24.55 -4.19
C PHE C 45 1.72 -25.13 -5.50
N ALA C 46 2.65 -25.62 -6.33
CA ALA C 46 2.33 -26.14 -7.66
C ALA C 46 3.31 -27.24 -8.05
N LYS C 47 2.81 -28.21 -8.82
CA LYS C 47 3.66 -29.24 -9.44
C LYS C 47 4.18 -28.72 -10.77
N TYR C 48 5.40 -29.13 -11.13
CA TYR C 48 6.01 -28.75 -12.41
C TYR C 48 7.11 -29.73 -12.80
N LYS C 49 6.87 -30.54 -13.84
CA LYS C 49 7.90 -31.44 -14.44
C LYS C 49 8.62 -32.38 -13.43
N ASP C 50 7.85 -33.10 -12.59
CA ASP C 50 8.38 -33.95 -11.52
C ASP C 50 8.78 -33.22 -10.23
N HIS C 51 8.77 -31.88 -10.23
CA HIS C 51 9.18 -31.09 -9.06
C HIS C 51 7.97 -30.57 -8.30
N GLU C 52 8.18 -30.28 -7.02
CA GLU C 52 7.20 -29.61 -6.17
C GLU C 52 7.72 -28.18 -5.96
N LEU C 53 6.93 -27.20 -6.38
CA LEU C 53 7.33 -25.79 -6.26
C LEU C 53 6.62 -25.13 -5.10
N VAL C 54 7.34 -24.27 -4.38
CA VAL C 54 6.75 -23.32 -3.46
C VAL C 54 7.19 -21.91 -3.88
N LEU C 55 6.22 -21.03 -4.09
CA LEU C 55 6.48 -19.68 -4.59
C LEU C 55 5.87 -18.65 -3.67
N ALA C 56 6.50 -17.47 -3.64
CA ALA C 56 5.97 -16.32 -2.91
C ALA C 56 6.68 -15.06 -3.32
N TYR C 57 6.03 -13.93 -3.10
CA TYR C 57 6.72 -12.66 -3.03
C TYR C 57 6.76 -12.23 -1.56
N SER C 58 7.94 -11.81 -1.13
CA SER C 58 8.21 -11.57 0.29
C SER C 58 7.66 -10.27 0.84
N LYS C 59 7.40 -9.32 -0.05
CA LYS C 59 7.33 -7.88 0.25
C LYS C 59 8.76 -7.32 0.32
N ILE C 60 8.86 -6.01 0.18
CA ILE C 60 10.13 -5.36 -0.12
C ILE C 60 11.11 -5.36 1.06
N GLY C 61 12.38 -5.64 0.76
CA GLY C 61 13.46 -5.41 1.71
C GLY C 61 14.09 -6.62 2.37
N LYS C 62 15.06 -6.34 3.23
CA LYS C 62 15.93 -7.36 3.81
C LYS C 62 15.24 -8.22 4.85
N VAL C 63 14.50 -7.60 5.77
CA VAL C 63 13.82 -8.36 6.82
C VAL C 63 12.73 -9.27 6.23
N ASN C 64 11.86 -8.70 5.38
CA ASN C 64 10.79 -9.47 4.72
C ASN C 64 11.33 -10.65 3.90
N SER C 65 12.35 -10.40 3.10
CA SER C 65 12.97 -11.44 2.28
C SER C 65 13.66 -12.52 3.14
N THR C 66 14.32 -12.10 4.22
CA THR C 66 14.96 -13.04 5.17
C THR C 66 13.91 -14.00 5.77
N LEU C 67 12.75 -13.46 6.14
CA LEU C 67 11.69 -14.28 6.73
C LEU C 67 11.12 -15.29 5.72
N SER C 68 10.86 -14.82 4.51
CA SER C 68 10.32 -15.71 3.44
C SER C 68 11.28 -16.87 3.12
N ALA C 69 12.56 -16.55 2.92
CA ALA C 69 13.57 -17.60 2.71
C ALA C 69 13.58 -18.65 3.82
N SER C 70 13.57 -18.18 5.07
CA SER C 70 13.57 -19.05 6.23
C SER C 70 12.34 -19.94 6.35
N VAL C 71 11.17 -19.35 6.15
CA VAL C 71 9.89 -20.07 6.13
C VAL C 71 9.86 -21.14 5.03
N MET C 72 10.30 -20.78 3.82
CA MET C 72 10.24 -21.69 2.67
C MET C 72 11.14 -22.92 2.86
N ILE C 73 12.31 -22.72 3.47
CA ILE C 73 13.22 -23.82 3.75
C ILE C 73 12.77 -24.62 4.98
N GLU C 74 12.57 -23.95 6.11
CA GLU C 74 12.34 -24.66 7.40
C GLU C 74 10.93 -25.26 7.55
N LYS C 75 9.88 -24.50 7.24
CA LYS C 75 8.50 -25.00 7.32
C LYS C 75 8.11 -25.81 6.08
N PHE C 76 8.41 -25.30 4.89
CA PHE C 76 7.97 -25.92 3.63
C PHE C 76 8.99 -26.80 2.91
N GLY C 77 10.15 -27.03 3.54
CA GLY C 77 11.11 -28.04 3.09
C GLY C 77 11.79 -27.87 1.75
N ALA C 78 11.95 -26.62 1.28
CA ALA C 78 12.63 -26.36 0.02
C ALA C 78 14.08 -26.86 0.08
N GLN C 79 14.51 -27.57 -0.97
CA GLN C 79 15.87 -28.11 -1.08
C GLN C 79 16.77 -27.23 -1.95
N VAL C 80 16.16 -26.31 -2.69
CA VAL C 80 16.87 -25.39 -3.55
C VAL C 80 16.01 -24.13 -3.59
N LEU C 81 16.67 -22.97 -3.64
CA LEU C 81 15.96 -21.68 -3.73
C LEU C 81 16.48 -20.87 -4.91
N LEU C 82 15.56 -20.43 -5.77
CA LEU C 82 15.87 -19.58 -6.91
C LEU C 82 15.20 -18.24 -6.65
N PHE C 83 15.99 -17.15 -6.66
CA PHE C 83 15.42 -15.81 -6.53
C PHE C 83 15.31 -15.14 -7.90
N THR C 84 14.13 -14.58 -8.17
CA THR C 84 13.85 -13.91 -9.45
C THR C 84 13.22 -12.54 -9.21
N GLY C 85 13.77 -11.53 -9.87
CA GLY C 85 13.21 -10.20 -9.77
C GLY C 85 13.97 -9.22 -10.63
N VAL C 86 13.90 -7.95 -10.25
CA VAL C 86 14.55 -6.86 -11.00
C VAL C 86 15.62 -6.20 -10.16
N ALA C 87 16.40 -5.31 -10.77
CA ALA C 87 17.51 -4.65 -10.06
C ALA C 87 17.88 -3.32 -10.73
N GLY C 88 18.62 -2.50 -10.00
CA GLY C 88 19.20 -1.27 -10.53
C GLY C 88 20.61 -1.53 -11.03
N ALA C 89 20.90 -1.09 -12.26
CA ALA C 89 22.18 -1.35 -12.90
C ALA C 89 23.25 -0.34 -12.47
N PHE C 90 24.43 -0.86 -12.14
CA PHE C 90 25.63 -0.06 -11.83
C PHE C 90 26.66 -0.16 -12.94
N ASN C 91 26.89 -1.38 -13.44
CA ASN C 91 27.84 -1.63 -14.53
C ASN C 91 27.33 -0.95 -15.81
N PRO C 92 28.12 -0.03 -16.42
CA PRO C 92 27.65 0.73 -17.57
C PRO C 92 27.33 -0.12 -18.83
N GLU C 93 27.91 -1.32 -18.92
CA GLU C 93 27.60 -2.27 -19.98
C GLU C 93 26.21 -2.95 -19.83
N LEU C 94 25.58 -2.84 -18.67
CA LEU C 94 24.22 -3.37 -18.48
C LEU C 94 23.20 -2.36 -19.01
N GLU C 95 22.29 -2.84 -19.85
CA GLU C 95 21.13 -2.08 -20.29
C GLU C 95 19.88 -2.59 -19.59
N ILE C 96 18.82 -1.80 -19.66
CA ILE C 96 17.53 -2.20 -19.12
C ILE C 96 17.06 -3.49 -19.81
N GLY C 97 16.58 -4.42 -18.99
CA GLY C 97 16.18 -5.75 -19.46
C GLY C 97 17.26 -6.81 -19.43
N ASP C 98 18.53 -6.44 -19.30
CA ASP C 98 19.64 -7.42 -19.27
C ASP C 98 19.60 -8.28 -18.02
N LEU C 99 19.97 -9.55 -18.16
CA LEU C 99 20.01 -10.50 -17.07
C LEU C 99 21.38 -10.53 -16.42
N LEU C 100 21.39 -10.53 -15.08
CA LEU C 100 22.58 -10.67 -14.28
C LEU C 100 22.29 -11.67 -13.16
N TYR C 101 23.16 -12.67 -13.00
CA TYR C 101 23.14 -13.53 -11.82
C TYR C 101 24.29 -13.16 -10.89
N ALA C 102 24.06 -13.26 -9.58
CA ALA C 102 25.05 -12.86 -8.58
C ALA C 102 25.97 -14.03 -8.28
N THR C 103 27.29 -13.82 -8.41
CA THR C 103 28.29 -14.79 -7.95
C THR C 103 28.45 -14.64 -6.44
N LYS C 104 28.38 -13.40 -5.96
CA LYS C 104 28.45 -13.11 -4.53
C LYS C 104 27.78 -11.78 -4.20
N LEU C 105 27.39 -11.59 -2.94
CA LEU C 105 26.58 -10.43 -2.55
C LEU C 105 26.95 -9.89 -1.19
N ALA C 106 26.76 -8.59 -1.00
CA ALA C 106 27.02 -7.89 0.26
C ALA C 106 25.90 -6.94 0.65
N GLN C 107 25.80 -6.65 1.94
CA GLN C 107 24.86 -5.67 2.46
C GLN C 107 25.61 -4.34 2.59
N TYR C 108 25.39 -3.40 1.67
CA TYR C 108 26.08 -2.08 1.71
C TYR C 108 25.69 -1.17 2.87
N ASP C 109 24.60 -1.48 3.58
CA ASP C 109 24.06 -0.61 4.63
C ASP C 109 24.17 -1.20 6.04
N LEU C 110 24.88 -2.33 6.16
CA LEU C 110 25.24 -2.90 7.45
C LEU C 110 26.58 -2.27 7.83
N ASP C 111 26.56 -1.43 8.86
CA ASP C 111 27.63 -0.45 9.11
C ASP C 111 27.95 -0.38 10.60
N ILE C 112 29.06 -1.03 10.98
CA ILE C 112 29.65 -0.81 12.29
C ILE C 112 31.06 -0.24 12.11
N THR C 113 31.23 0.60 11.08
CA THR C 113 32.54 1.19 10.74
C THR C 113 33.09 2.08 11.86
N ALA C 114 32.23 2.59 12.73
CA ALA C 114 32.67 3.30 13.94
C ALA C 114 33.64 2.49 14.84
N PHE C 115 33.61 1.16 14.75
CA PHE C 115 34.56 0.30 15.47
C PHE C 115 35.79 -0.12 14.63
N GLY C 116 36.00 0.52 13.47
CA GLY C 116 37.13 0.22 12.60
C GLY C 116 37.05 -1.05 11.75
N HIS C 117 35.85 -1.62 11.59
CA HIS C 117 35.63 -2.71 10.66
C HIS C 117 35.20 -2.20 9.29
N PRO C 118 35.40 -3.01 8.23
CA PRO C 118 34.92 -2.55 6.91
C PRO C 118 33.38 -2.52 6.81
N LEU C 119 32.88 -1.67 5.91
CA LEU C 119 31.45 -1.57 5.62
C LEU C 119 30.93 -2.94 5.15
N GLY C 120 29.79 -3.37 5.66
CA GLY C 120 29.19 -4.66 5.31
C GLY C 120 29.53 -5.83 6.23
N PHE C 121 30.46 -5.60 7.18
CA PHE C 121 30.96 -6.66 8.04
C PHE C 121 30.34 -6.57 9.42
N VAL C 122 29.93 -7.71 9.96
CA VAL C 122 29.72 -7.87 11.41
C VAL C 122 30.43 -9.15 11.85
N PRO C 123 30.86 -9.24 13.13
CA PRO C 123 31.57 -10.45 13.60
C PRO C 123 30.75 -11.74 13.49
N GLY C 124 31.41 -12.84 13.17
CA GLY C 124 30.75 -14.12 12.87
C GLY C 124 30.45 -14.35 11.39
N ASN C 125 30.38 -13.28 10.59
CA ASN C 125 29.98 -13.33 9.19
C ASN C 125 31.06 -12.81 8.25
N GLU C 126 30.91 -13.14 6.97
CA GLU C 126 31.71 -12.55 5.90
C GLU C 126 31.04 -11.33 5.31
N ILE C 127 31.82 -10.48 4.68
CA ILE C 127 31.30 -9.33 3.94
C ILE C 127 30.48 -9.80 2.72
N PHE C 128 31.04 -10.75 1.95
CA PHE C 128 30.34 -11.32 0.78
C PHE C 128 29.81 -12.72 1.05
N ILE C 129 28.56 -12.97 0.67
CA ILE C 129 28.00 -14.32 0.72
C ILE C 129 27.95 -14.86 -0.72
N LYS C 130 28.31 -16.13 -0.90
CA LYS C 130 28.37 -16.77 -2.24
C LYS C 130 27.10 -17.55 -2.58
N THR C 131 26.81 -17.64 -3.87
CA THR C 131 25.73 -18.47 -4.39
C THR C 131 26.30 -19.82 -4.81
N ASP C 132 25.41 -20.77 -5.11
CA ASP C 132 25.82 -22.12 -5.44
C ASP C 132 26.41 -22.23 -6.84
N GLU C 133 27.58 -22.85 -6.93
CA GLU C 133 28.34 -22.88 -8.19
C GLU C 133 27.67 -23.78 -9.23
N LYS C 134 27.09 -24.90 -8.79
CA LYS C 134 26.41 -25.82 -9.70
C LYS C 134 25.15 -25.20 -10.34
N LEU C 135 24.36 -24.49 -9.55
CA LEU C 135 23.20 -23.75 -10.09
C LEU C 135 23.61 -22.65 -11.07
N ASN C 136 24.72 -21.95 -10.75
CA ASN C 136 25.27 -20.94 -11.64
C ASN C 136 25.73 -21.53 -12.99
N ASN C 137 26.34 -22.71 -12.97
CA ASN C 137 26.75 -23.38 -14.21
C ASN C 137 25.56 -23.88 -15.01
N LEU C 138 24.54 -24.38 -14.31
CA LEU C 138 23.28 -24.74 -14.95
C LEU C 138 22.66 -23.52 -15.65
N ALA C 139 22.68 -22.36 -15.00
CA ALA C 139 22.21 -21.12 -15.62
C ALA C 139 22.98 -20.78 -16.91
N LEU C 140 24.30 -20.97 -16.88
CA LEU C 140 25.15 -20.71 -18.07
C LEU C 140 24.80 -21.63 -19.26
N GLU C 141 24.52 -22.91 -18.99
CA GLU C 141 24.11 -23.84 -20.05
C GLU C 141 22.75 -23.50 -20.64
N VAL C 142 21.77 -23.15 -19.77
CA VAL C 142 20.45 -22.70 -20.22
C VAL C 142 20.55 -21.42 -21.07
N ALA C 143 21.49 -20.53 -20.70
CA ALA C 143 21.75 -19.32 -21.46
C ALA C 143 22.32 -19.60 -22.86
N LYS C 144 23.31 -20.50 -22.90
CA LYS C 144 23.93 -20.95 -24.16
C LYS C 144 22.92 -21.67 -25.05
N GLU C 145 22.18 -22.60 -24.45
CA GLU C 145 21.18 -23.42 -25.16
C GLU C 145 20.12 -22.58 -25.87
N LEU C 146 19.58 -21.57 -25.18
CA LEU C 146 18.59 -20.66 -25.79
C LEU C 146 19.26 -19.29 -25.92
N ASN C 147 20.32 -19.24 -26.69
CA ASN C 147 20.96 -17.97 -27.16
C ASN C 147 20.55 -16.67 -26.48
N ILE C 148 20.57 -16.69 -25.15
CA ILE C 148 20.19 -15.55 -24.31
C ILE C 148 21.44 -15.05 -23.62
N LYS C 149 21.60 -13.72 -23.58
CA LYS C 149 22.75 -13.08 -22.98
C LYS C 149 22.59 -13.10 -21.46
N LEU C 150 23.59 -13.65 -20.75
CA LEU C 150 23.59 -13.74 -19.30
C LEU C 150 24.95 -13.34 -18.75
N ARG C 151 24.94 -12.43 -17.77
CA ARG C 151 26.16 -11.86 -17.21
C ARG C 151 26.31 -12.27 -15.75
N ALA C 152 27.55 -12.56 -15.33
CA ALA C 152 27.87 -12.85 -13.94
C ALA C 152 28.38 -11.57 -13.26
N GLY C 153 28.13 -11.43 -11.97
CA GLY C 153 28.50 -10.21 -11.26
C GLY C 153 28.26 -10.22 -9.77
N ILE C 154 28.58 -9.08 -9.17
CA ILE C 154 28.45 -8.84 -7.74
C ILE C 154 27.23 -7.96 -7.54
N ILE C 155 26.32 -8.34 -6.65
CA ILE C 155 25.18 -7.49 -6.28
C ILE C 155 25.35 -6.94 -4.87
N ALA C 156 25.06 -5.65 -4.71
CA ALA C 156 25.06 -4.97 -3.43
C ALA C 156 23.61 -4.79 -2.98
N THR C 157 23.28 -5.26 -1.78
CA THR C 157 21.93 -5.26 -1.25
C THR C 157 21.82 -4.25 -0.12
N GLY C 158 20.70 -3.55 -0.02
CA GLY C 158 20.41 -2.68 1.11
C GLY C 158 18.97 -2.23 1.07
N ASP C 159 18.52 -1.55 2.12
CA ASP C 159 17.09 -1.25 2.29
C ASP C 159 16.71 0.15 1.79
N GLU C 160 17.43 0.66 0.80
CA GLU C 160 17.12 1.93 0.17
C GLU C 160 16.91 1.71 -1.33
N PHE C 161 15.90 2.37 -1.91
CA PHE C 161 15.82 2.49 -3.36
C PHE C 161 16.86 3.53 -3.82
N ILE C 162 17.82 3.11 -4.63
CA ILE C 162 18.95 3.96 -5.01
C ILE C 162 18.59 4.72 -6.28
N CYS C 163 18.61 6.04 -6.20
CA CYS C 163 18.27 6.92 -7.33
C CYS C 163 19.08 8.20 -7.27
N ASP C 164 20.38 8.04 -7.14
CA ASP C 164 21.32 9.11 -6.84
C ASP C 164 22.67 8.66 -7.35
N GLU C 165 23.32 9.50 -8.17
CA GLU C 165 24.59 9.14 -8.80
C GLU C 165 25.75 9.00 -7.83
N ALA C 166 25.79 9.85 -6.83
CA ALA C 166 26.82 9.81 -5.77
C ALA C 166 26.75 8.51 -4.99
N LYS C 167 25.55 8.14 -4.55
CA LYS C 167 25.36 6.89 -3.80
C LYS C 167 25.70 5.67 -4.65
N LYS C 168 25.19 5.66 -5.89
CA LYS C 168 25.50 4.64 -6.87
C LYS C 168 27.01 4.45 -7.01
N ALA C 169 27.72 5.54 -7.24
CA ALA C 169 29.18 5.52 -7.41
C ALA C 169 29.90 4.95 -6.19
N LYS C 170 29.48 5.42 -5.00
CA LYS C 170 30.06 5.01 -3.74
C LYS C 170 29.92 3.50 -3.52
N ILE C 171 28.71 2.97 -3.67
CA ILE C 171 28.45 1.55 -3.43
C ILE C 171 29.21 0.69 -4.44
N ARG C 172 29.21 1.12 -5.71
CA ARG C 172 29.96 0.48 -6.78
C ARG C 172 31.48 0.43 -6.48
N GLU C 173 32.03 1.56 -6.03
CA GLU C 173 33.44 1.66 -5.68
C GLU C 173 33.82 0.71 -4.53
N ILE C 174 33.03 0.71 -3.47
CA ILE C 174 33.38 -0.03 -2.25
C ILE C 174 33.29 -1.54 -2.44
N PHE C 175 32.27 -1.99 -3.17
CA PHE C 175 31.99 -3.44 -3.29
C PHE C 175 32.22 -4.02 -4.69
N ASN C 176 32.67 -3.20 -5.64
CA ASN C 176 32.84 -3.64 -7.04
C ASN C 176 31.53 -4.24 -7.59
N ALA C 177 30.42 -3.57 -7.27
CA ALA C 177 29.07 -4.10 -7.55
C ALA C 177 28.62 -3.73 -8.95
N ASP C 178 28.00 -4.70 -9.62
CA ASP C 178 27.41 -4.52 -10.96
C ASP C 178 25.95 -4.08 -10.94
N ALA C 179 25.25 -4.35 -9.83
CA ALA C 179 23.86 -3.91 -9.63
C ALA C 179 23.51 -3.80 -8.14
N CYS C 180 22.40 -3.13 -7.86
CA CYS C 180 21.91 -2.98 -6.52
C CYS C 180 20.49 -3.46 -6.43
N GLU C 181 20.10 -3.88 -5.22
CA GLU C 181 18.74 -4.30 -4.97
C GLU C 181 18.50 -4.41 -3.47
N MET C 182 17.35 -4.93 -3.03
CA MET C 182 16.97 -4.82 -1.60
C MET C 182 16.71 -6.17 -0.92
N GLU C 183 16.95 -7.29 -1.60
CA GLU C 183 16.68 -8.63 -1.06
C GLU C 183 17.74 -9.73 -1.26
N GLY C 184 18.78 -9.49 -2.04
CA GLY C 184 19.64 -10.57 -2.53
C GLY C 184 20.53 -11.17 -1.46
N ALA C 185 21.37 -10.34 -0.87
CA ALA C 185 22.33 -10.76 0.16
C ALA C 185 21.65 -11.42 1.36
N SER C 186 20.48 -10.91 1.73
CA SER C 186 19.70 -11.46 2.82
C SER C 186 19.21 -12.88 2.53
N VAL C 187 18.66 -13.08 1.33
CA VAL C 187 18.19 -14.42 0.92
C VAL C 187 19.38 -15.41 0.81
N ALA C 188 20.47 -14.96 0.19
CA ALA C 188 21.69 -15.77 0.05
C ALA C 188 22.29 -16.19 1.39
N LEU C 189 22.30 -15.27 2.36
CA LEU C 189 22.76 -15.57 3.72
C LEU C 189 21.91 -16.65 4.36
N VAL C 190 20.59 -16.52 4.32
CA VAL C 190 19.71 -17.54 4.89
C VAL C 190 19.97 -18.92 4.30
N CYS C 191 20.07 -18.99 2.97
CA CYS C 191 20.25 -20.26 2.26
C CYS C 191 21.58 -20.90 2.62
N ASP C 192 22.65 -20.09 2.68
CA ASP C 192 23.96 -20.59 3.06
C ASP C 192 23.95 -21.11 4.49
N ALA C 193 23.37 -20.32 5.41
CA ALA C 193 23.28 -20.74 6.81
C ALA C 193 22.49 -22.05 6.97
N LEU C 194 21.41 -22.21 6.22
CA LEU C 194 20.58 -23.43 6.26
C LEU C 194 21.03 -24.54 5.30
N LYS C 195 22.15 -24.34 4.61
CA LYS C 195 22.78 -25.35 3.74
C LYS C 195 21.92 -25.72 2.53
N VAL C 196 21.28 -24.71 1.92
CA VAL C 196 20.47 -24.88 0.73
C VAL C 196 21.16 -24.16 -0.42
N PRO C 197 21.32 -24.83 -1.58
CA PRO C 197 21.81 -24.16 -2.79
C PRO C 197 20.93 -22.98 -3.19
N CYS C 198 21.56 -21.82 -3.39
CA CYS C 198 20.89 -20.56 -3.74
C CYS C 198 21.36 -20.04 -5.10
N PHE C 199 20.42 -19.47 -5.85
CA PHE C 199 20.70 -18.82 -7.14
C PHE C 199 19.92 -17.50 -7.18
N ILE C 200 20.63 -16.40 -7.46
CA ILE C 200 20.02 -15.06 -7.47
C ILE C 200 20.09 -14.48 -8.88
N LEU C 201 18.93 -14.28 -9.51
CA LEU C 201 18.83 -13.72 -10.87
C LEU C 201 18.01 -12.44 -10.85
N ARG C 202 18.53 -11.42 -11.55
CA ARG C 202 17.89 -10.12 -11.66
C ARG C 202 17.93 -9.61 -13.09
N ALA C 203 16.81 -9.06 -13.55
CA ALA C 203 16.74 -8.32 -14.80
C ALA C 203 16.68 -6.83 -14.48
N MET C 204 17.46 -6.01 -15.20
CA MET C 204 17.55 -4.59 -14.88
C MET C 204 16.25 -3.86 -15.23
N SER C 205 15.72 -3.11 -14.26
CA SER C 205 14.55 -2.24 -14.46
C SER C 205 14.91 -0.76 -14.59
N ASP C 206 16.15 -0.39 -14.24
CA ASP C 206 16.58 1.01 -14.21
C ASP C 206 18.11 1.07 -14.03
N LYS C 207 18.67 2.29 -14.01
CA LYS C 207 20.13 2.49 -13.86
C LYS C 207 20.52 3.19 -12.55
N ALA C 208 19.59 3.27 -11.61
CA ALA C 208 19.88 3.66 -10.22
C ALA C 208 20.48 5.07 -10.03
N GLY C 209 20.21 5.98 -10.96
CA GLY C 209 20.64 7.39 -10.87
C GLY C 209 19.40 8.29 -10.85
N GLU C 210 19.54 9.50 -11.34
CA GLU C 210 18.43 10.47 -11.36
C GLU C 210 17.28 9.88 -12.19
N LYS C 211 16.06 10.04 -11.70
CA LYS C 211 14.86 9.50 -12.36
C LYS C 211 14.85 7.95 -12.52
N ALA C 212 15.56 7.23 -11.64
CA ALA C 212 15.47 5.76 -11.61
C ALA C 212 14.05 5.30 -11.23
N GLU C 213 13.39 6.05 -10.37
CA GLU C 213 11.99 5.79 -9.98
C GLU C 213 11.04 5.74 -11.20
N PHE C 214 11.28 6.59 -12.20
CA PHE C 214 10.45 6.63 -13.41
C PHE C 214 10.73 5.45 -14.34
N ASP C 215 12.01 5.15 -14.56
CA ASP C 215 12.40 3.95 -15.30
C ASP C 215 11.93 2.67 -14.62
N PHE C 216 11.97 2.63 -13.28
CA PHE C 216 11.48 1.48 -12.55
C PHE C 216 10.00 1.23 -12.90
N ASP C 217 9.16 2.24 -12.71
CA ASP C 217 7.71 2.10 -12.98
C ASP C 217 7.43 1.68 -14.42
N GLU C 218 8.22 2.19 -15.37
CA GLU C 218 8.01 1.86 -16.79
C GLU C 218 8.39 0.44 -17.14
N PHE C 219 9.50 -0.07 -16.60
CA PHE C 219 10.09 -1.34 -17.05
C PHE C 219 9.94 -2.56 -16.11
N VAL C 220 9.45 -2.36 -14.89
CA VAL C 220 9.36 -3.45 -13.89
C VAL C 220 8.61 -4.68 -14.39
N ILE C 221 7.40 -4.47 -14.92
CA ILE C 221 6.54 -5.57 -15.36
C ILE C 221 7.26 -6.43 -16.41
N ASN C 222 7.85 -5.78 -17.41
CA ASN C 222 8.50 -6.51 -18.52
C ASN C 222 9.80 -7.21 -18.08
N SER C 223 10.64 -6.49 -17.34
CA SER C 223 11.91 -7.06 -16.84
C SER C 223 11.68 -8.25 -15.89
N ALA C 224 10.64 -8.14 -15.07
CA ALA C 224 10.25 -9.22 -14.16
C ALA C 224 9.90 -10.51 -14.91
N LYS C 225 9.20 -10.36 -16.04
CA LYS C 225 8.88 -11.50 -16.91
C LYS C 225 10.10 -12.18 -17.52
N ILE C 226 11.11 -11.38 -17.90
CA ILE C 226 12.36 -11.93 -18.43
C ILE C 226 13.04 -12.82 -17.42
N SER C 227 13.18 -12.32 -16.18
CA SER C 227 13.78 -13.09 -15.10
C SER C 227 12.92 -14.31 -14.73
N ALA C 228 11.61 -14.09 -14.62
CA ALA C 228 10.64 -15.15 -14.28
C ALA C 228 10.71 -16.34 -15.25
N ASN C 229 10.65 -16.04 -16.54
CA ASN C 229 10.77 -17.06 -17.58
C ASN C 229 12.03 -17.88 -17.41
N PHE C 230 13.15 -17.20 -17.20
CA PHE C 230 14.46 -17.85 -17.11
C PHE C 230 14.56 -18.86 -15.97
N VAL C 231 14.10 -18.51 -14.76
CA VAL C 231 14.16 -19.45 -13.63
C VAL C 231 13.28 -20.69 -13.81
N LEU C 232 12.15 -20.53 -14.50
CA LEU C 232 11.32 -21.70 -14.87
C LEU C 232 12.02 -22.61 -15.88
N LYS C 233 12.80 -22.05 -16.79
CA LYS C 233 13.62 -22.85 -17.71
C LYS C 233 14.71 -23.63 -16.98
N MET C 234 15.25 -23.07 -15.90
CA MET C 234 16.18 -23.82 -15.04
C MET C 234 15.48 -24.98 -14.32
N CYS C 235 14.23 -24.78 -13.92
CA CYS C 235 13.44 -25.85 -13.31
C CYS C 235 13.23 -27.06 -14.24
N GLU C 236 13.09 -26.80 -15.55
CA GLU C 236 13.04 -27.88 -16.55
C GLU C 236 14.29 -28.76 -16.51
N LYS C 237 15.46 -28.13 -16.46
CA LYS C 237 16.75 -28.84 -16.44
C LYS C 237 17.19 -29.37 -15.09
N LEU C 238 16.50 -28.99 -14.02
CA LEU C 238 16.87 -29.40 -12.64
C LEU C 238 16.37 -30.84 -12.39
N GLY D 10 3.65 -24.59 32.47
CA GLY D 10 4.92 -24.26 31.77
C GLY D 10 4.83 -24.13 30.26
N MET D 11 5.85 -23.53 29.65
CA MET D 11 5.85 -23.25 28.21
C MET D 11 7.25 -23.03 27.65
N LYS D 12 7.35 -23.05 26.32
CA LYS D 12 8.58 -22.77 25.61
C LYS D 12 8.79 -21.26 25.48
N ILE D 13 9.96 -20.80 25.89
CA ILE D 13 10.32 -19.38 25.88
C ILE D 13 11.62 -19.23 25.10
N ALA D 14 11.62 -18.31 24.13
CA ALA D 14 12.85 -17.91 23.46
C ALA D 14 13.38 -16.66 24.16
N ILE D 15 14.70 -16.66 24.43
CA ILE D 15 15.38 -15.45 24.94
C ILE D 15 16.50 -15.15 23.96
N LEU D 16 16.47 -13.94 23.38
CA LEU D 16 17.35 -13.60 22.26
C LEU D 16 18.04 -12.26 22.53
N GLY D 17 19.36 -12.24 22.33
CA GLY D 17 20.14 -11.01 22.19
C GLY D 17 20.82 -10.99 20.83
N ALA D 18 21.58 -9.93 20.58
CA ALA D 18 22.39 -9.80 19.36
C ALA D 18 23.84 -10.29 19.59
N MET D 19 24.39 -9.99 20.77
CA MET D 19 25.81 -10.22 21.08
C MET D 19 25.98 -11.20 22.22
N SER D 20 27.16 -11.82 22.27
CA SER D 20 27.48 -12.77 23.34
C SER D 20 27.34 -12.15 24.74
N GLU D 21 27.71 -10.88 24.86
CA GLU D 21 27.60 -10.15 26.13
C GLU D 21 26.15 -10.04 26.65
N GLU D 22 25.18 -10.07 25.74
CA GLU D 22 23.75 -9.94 26.12
C GLU D 22 23.10 -11.25 26.59
N ILE D 23 23.74 -12.38 26.28
CA ILE D 23 23.19 -13.72 26.57
C ILE D 23 24.07 -14.56 27.52
N THR D 24 25.38 -14.35 27.51
CA THR D 24 26.28 -15.10 28.40
C THR D 24 25.93 -15.02 29.90
N PRO D 25 25.53 -13.84 30.40
CA PRO D 25 25.09 -13.76 31.81
C PRO D 25 23.93 -14.70 32.17
N LEU D 26 23.01 -14.93 31.23
CA LEU D 26 21.93 -15.90 31.44
C LEU D 26 22.43 -17.34 31.46
N LEU D 27 23.37 -17.68 30.58
CA LEU D 27 23.94 -19.04 30.55
C LEU D 27 24.71 -19.37 31.83
N GLU D 28 25.43 -18.38 32.36
CA GLU D 28 26.09 -18.49 33.65
C GLU D 28 25.12 -18.65 34.82
N THR D 29 24.00 -17.93 34.81
CA THR D 29 22.97 -18.07 35.84
C THR D 29 22.28 -19.46 35.79
N LEU D 30 22.02 -19.95 34.59
CA LEU D 30 21.33 -21.23 34.40
C LEU D 30 22.23 -22.44 34.67
N LYS D 31 23.54 -22.29 34.48
CA LYS D 31 24.55 -23.35 34.75
C LYS D 31 24.49 -24.56 33.81
N ASP D 32 23.36 -25.28 33.84
CA ASP D 32 23.20 -26.51 33.05
C ASP D 32 22.37 -26.25 31.80
N TYR D 33 22.94 -26.56 30.64
CA TYR D 33 22.25 -26.39 29.37
C TYR D 33 22.90 -27.23 28.28
N THR D 34 22.14 -27.52 27.23
CA THR D 34 22.66 -28.24 26.06
C THR D 34 22.76 -27.28 24.86
N LYS D 35 23.55 -27.66 23.87
CA LYS D 35 23.78 -26.84 22.68
C LYS D 35 23.43 -27.60 21.39
N ILE D 36 22.95 -26.87 20.38
CA ILE D 36 22.71 -27.38 19.03
C ILE D 36 23.28 -26.39 18.02
N GLU D 37 24.13 -26.85 17.11
CA GLU D 37 24.62 -26.02 16.00
C GLU D 37 23.54 -25.99 14.92
N HIS D 38 22.98 -24.82 14.67
CA HIS D 38 22.02 -24.63 13.56
C HIS D 38 22.09 -23.21 12.99
N ALA D 39 21.94 -23.11 11.67
CA ALA D 39 21.84 -21.81 10.99
C ALA D 39 23.10 -20.95 11.20
N ASN D 40 24.27 -21.60 11.18
CA ASN D 40 25.57 -20.98 11.37
C ASN D 40 25.63 -20.18 12.69
N ASN D 41 25.11 -20.81 13.74
CA ASN D 41 25.05 -20.22 15.07
C ASN D 41 24.88 -21.37 16.09
N THR D 42 24.87 -21.04 17.38
CA THR D 42 24.59 -22.01 18.43
C THR D 42 23.33 -21.62 19.18
N TYR D 43 22.44 -22.59 19.36
CA TYR D 43 21.22 -22.41 20.15
C TYR D 43 21.36 -23.24 21.42
N TYR D 44 21.00 -22.64 22.56
CA TYR D 44 21.20 -23.20 23.89
C TYR D 44 19.86 -23.54 24.51
N PHE D 45 19.79 -24.69 25.19
CA PHE D 45 18.54 -25.20 25.77
C PHE D 45 18.70 -25.51 27.25
N ALA D 46 17.78 -24.98 28.06
CA ALA D 46 17.83 -25.11 29.51
C ALA D 46 16.43 -25.13 30.09
N LYS D 47 16.25 -25.88 31.19
CA LYS D 47 15.04 -25.84 32.00
C LYS D 47 15.14 -24.69 33.01
N TYR D 48 14.00 -24.08 33.32
CA TYR D 48 13.92 -23.03 34.34
C TYR D 48 12.51 -22.89 34.88
N LYS D 49 12.28 -23.31 36.12
CA LYS D 49 11.00 -23.10 36.85
C LYS D 49 9.71 -23.56 36.12
N ASP D 50 9.70 -24.80 35.64
CA ASP D 50 8.60 -25.36 34.82
C ASP D 50 8.67 -25.02 33.33
N HIS D 51 9.56 -24.11 32.91
CA HIS D 51 9.63 -23.66 31.52
C HIS D 51 10.79 -24.33 30.80
N GLU D 52 10.67 -24.41 29.48
CA GLU D 52 11.74 -24.84 28.61
C GLU D 52 12.26 -23.60 27.89
N LEU D 53 13.53 -23.26 28.08
CA LEU D 53 14.13 -22.10 27.45
C LEU D 53 14.95 -22.49 26.22
N VAL D 54 14.88 -21.64 25.20
CA VAL D 54 15.85 -21.66 24.11
C VAL D 54 16.47 -20.26 24.02
N LEU D 55 17.80 -20.21 24.06
CA LEU D 55 18.53 -18.94 24.07
C LEU D 55 19.55 -18.91 22.97
N ALA D 56 19.84 -17.70 22.49
CA ALA D 56 20.90 -17.48 21.51
C ALA D 56 21.21 -16.00 21.40
N TYR D 57 22.41 -15.71 20.91
CA TYR D 57 22.71 -14.41 20.38
C TYR D 57 22.78 -14.56 18.85
N SER D 58 22.11 -13.64 18.16
CA SER D 58 21.90 -13.75 16.72
C SER D 58 23.09 -13.38 15.87
N LYS D 59 24.01 -12.60 16.43
CA LYS D 59 24.95 -11.75 15.71
C LYS D 59 24.23 -10.45 15.29
N ILE D 60 25.02 -9.43 14.99
CA ILE D 60 24.51 -8.07 14.92
C ILE D 60 23.63 -7.82 13.69
N GLY D 61 22.53 -7.10 13.90
CA GLY D 61 21.76 -6.54 12.79
C GLY D 61 20.42 -7.17 12.48
N LYS D 62 19.77 -6.62 11.45
CA LYS D 62 18.37 -6.96 11.13
C LYS D 62 18.23 -8.33 10.51
N VAL D 63 19.07 -8.67 9.54
CA VAL D 63 18.98 -9.98 8.88
C VAL D 63 19.29 -11.11 9.87
N ASN D 64 20.41 -11.00 10.59
CA ASN D 64 20.81 -12.02 11.58
C ASN D 64 19.73 -12.24 12.67
N SER D 65 19.20 -11.14 13.21
CA SER D 65 18.17 -11.21 14.23
C SER D 65 16.85 -11.80 13.68
N THR D 66 16.49 -11.42 12.46
CA THR D 66 15.32 -11.97 11.77
C THR D 66 15.41 -13.50 11.64
N LEU D 67 16.58 -13.99 11.25
CA LEU D 67 16.78 -15.43 11.09
C LEU D 67 16.70 -16.18 12.43
N SER D 68 17.33 -15.64 13.46
CA SER D 68 17.29 -16.27 14.80
C SER D 68 15.86 -16.36 15.35
N ALA D 69 15.12 -15.26 15.28
CA ALA D 69 13.71 -15.26 15.69
C ALA D 69 12.89 -16.34 14.97
N SER D 70 13.05 -16.41 13.64
CA SER D 70 12.35 -17.38 12.81
C SER D 70 12.70 -18.83 13.14
N VAL D 71 14.00 -19.12 13.28
CA VAL D 71 14.49 -20.45 13.68
C VAL D 71 13.95 -20.86 15.07
N MET D 72 14.00 -19.94 16.04
CA MET D 72 13.58 -20.25 17.41
C MET D 72 12.08 -20.58 17.50
N ILE D 73 11.26 -19.87 16.72
CA ILE D 73 9.83 -20.13 16.67
C ILE D 73 9.51 -21.37 15.83
N GLU D 74 9.96 -21.39 14.58
CA GLU D 74 9.55 -22.44 13.62
C GLU D 74 10.19 -23.82 13.84
N LYS D 75 11.50 -23.86 14.02
CA LYS D 75 12.21 -25.14 14.28
C LYS D 75 12.11 -25.56 15.74
N PHE D 76 12.36 -24.64 16.67
CA PHE D 76 12.42 -24.97 18.10
C PHE D 76 11.16 -24.68 18.92
N GLY D 77 10.07 -24.27 18.27
CA GLY D 77 8.75 -24.21 18.89
C GLY D 77 8.52 -23.21 20.02
N ALA D 78 9.25 -22.11 20.04
CA ALA D 78 9.06 -21.08 21.07
C ALA D 78 7.64 -20.50 20.99
N GLN D 79 6.98 -20.37 22.14
CA GLN D 79 5.62 -19.83 22.25
C GLN D 79 5.62 -18.37 22.68
N VAL D 80 6.75 -17.88 23.17
CA VAL D 80 6.91 -16.51 23.61
C VAL D 80 8.37 -16.17 23.35
N LEU D 81 8.64 -14.92 22.96
CA LEU D 81 10.01 -14.46 22.72
C LEU D 81 10.28 -13.18 23.51
N LEU D 82 11.34 -13.20 24.30
CA LEU D 82 11.79 -12.04 25.07
C LEU D 82 13.15 -11.62 24.49
N PHE D 83 13.26 -10.36 24.06
CA PHE D 83 14.54 -9.84 23.57
C PHE D 83 15.22 -9.01 24.65
N THR D 84 16.50 -9.30 24.89
CA THR D 84 17.30 -8.61 25.91
C THR D 84 18.63 -8.14 25.33
N GLY D 85 18.95 -6.87 25.55
CA GLY D 85 20.23 -6.35 25.12
C GLY D 85 20.39 -4.90 25.51
N VAL D 86 21.22 -4.18 24.76
CA VAL D 86 21.53 -2.79 25.04
C VAL D 86 21.05 -1.89 23.91
N ALA D 87 21.12 -0.58 24.10
CA ALA D 87 20.63 0.38 23.10
C ALA D 87 21.29 1.75 23.26
N GLY D 88 21.17 2.58 22.23
CA GLY D 88 21.62 3.96 22.25
C GLY D 88 20.46 4.86 22.63
N ALA D 89 20.66 5.74 23.61
CA ALA D 89 19.62 6.60 24.14
C ALA D 89 19.42 7.86 23.28
N PHE D 90 18.16 8.16 22.97
CA PHE D 90 17.75 9.39 22.28
C PHE D 90 17.04 10.34 23.24
N ASN D 91 16.14 9.81 24.07
CA ASN D 91 15.40 10.61 25.05
C ASN D 91 16.38 11.15 26.11
N PRO D 92 16.45 12.49 26.28
CA PRO D 92 17.45 13.08 27.19
C PRO D 92 17.29 12.70 28.67
N GLU D 93 16.09 12.27 29.07
CA GLU D 93 15.85 11.75 30.41
C GLU D 93 16.43 10.35 30.66
N LEU D 94 16.83 9.63 29.60
CA LEU D 94 17.46 8.32 29.76
C LEU D 94 18.95 8.50 30.05
N GLU D 95 19.41 7.84 31.11
CA GLU D 95 20.84 7.76 31.44
C GLU D 95 21.35 6.37 31.09
N ILE D 96 22.67 6.24 31.04
CA ILE D 96 23.31 4.95 30.82
C ILE D 96 22.90 3.98 31.93
N GLY D 97 22.56 2.76 31.53
CA GLY D 97 22.05 1.74 32.43
C GLY D 97 20.53 1.69 32.60
N ASP D 98 19.81 2.74 32.19
CA ASP D 98 18.34 2.78 32.34
C ASP D 98 17.64 1.76 31.45
N LEU D 99 16.56 1.19 31.95
CA LEU D 99 15.76 0.19 31.21
C LEU D 99 14.65 0.88 30.43
N LEU D 100 14.49 0.44 29.18
CA LEU D 100 13.39 0.86 28.31
C LEU D 100 12.84 -0.39 27.62
N TYR D 101 11.51 -0.55 27.68
CA TYR D 101 10.82 -1.55 26.85
C TYR D 101 10.09 -0.83 25.70
N ALA D 102 10.05 -1.48 24.53
CA ALA D 102 9.44 -0.88 23.35
C ALA D 102 7.95 -1.17 23.32
N THR D 103 7.12 -0.14 23.22
CA THR D 103 5.69 -0.31 22.95
C THR D 103 5.48 -0.58 21.47
N LYS D 104 6.28 0.08 20.64
CA LYS D 104 6.25 -0.14 19.20
C LYS D 104 7.58 0.25 18.55
N LEU D 105 7.84 -0.26 17.35
CA LEU D 105 9.15 -0.10 16.73
C LEU D 105 9.06 0.08 15.22
N ALA D 106 10.04 0.80 14.67
CA ALA D 106 10.13 1.07 13.23
C ALA D 106 11.56 0.86 12.72
N GLN D 107 11.66 0.59 11.42
CA GLN D 107 12.93 0.50 10.74
C GLN D 107 13.21 1.87 10.10
N TYR D 108 14.10 2.67 10.70
CA TYR D 108 14.42 4.02 10.16
C TYR D 108 15.18 4.01 8.83
N ASP D 109 15.71 2.86 8.40
CA ASP D 109 16.56 2.77 7.20
C ASP D 109 15.91 1.99 6.05
N LEU D 110 14.64 1.65 6.20
CA LEU D 110 13.84 1.08 5.14
C LEU D 110 13.20 2.26 4.41
N ASP D 111 13.64 2.50 3.18
CA ASP D 111 13.48 3.80 2.52
C ASP D 111 13.13 3.59 1.05
N ILE D 112 11.84 3.72 0.73
CA ILE D 112 11.38 3.83 -0.63
C ILE D 112 10.67 5.19 -0.77
N THR D 113 11.19 6.22 -0.06
CA THR D 113 10.62 7.57 -0.10
C THR D 113 10.67 8.19 -1.49
N ALA D 114 11.57 7.72 -2.35
CA ALA D 114 11.58 8.14 -3.76
C ALA D 114 10.24 7.94 -4.51
N PHE D 115 9.41 7.00 -4.03
CA PHE D 115 8.07 6.79 -4.60
C PHE D 115 6.95 7.52 -3.83
N GLY D 116 7.30 8.47 -2.97
CA GLY D 116 6.34 9.24 -2.19
C GLY D 116 5.71 8.55 -0.98
N HIS D 117 6.32 7.48 -0.50
CA HIS D 117 5.84 6.82 0.74
C HIS D 117 6.62 7.38 1.95
N PRO D 118 6.04 7.30 3.16
CA PRO D 118 6.82 7.73 4.33
C PRO D 118 8.03 6.80 4.64
N LEU D 119 9.04 7.36 5.30
CA LEU D 119 10.22 6.59 5.72
C LEU D 119 9.79 5.45 6.64
N GLY D 120 10.32 4.25 6.40
CA GLY D 120 9.98 3.08 7.20
C GLY D 120 8.85 2.21 6.67
N PHE D 121 8.19 2.66 5.60
CA PHE D 121 7.03 1.98 5.05
C PHE D 121 7.38 1.20 3.79
N VAL D 122 6.89 -0.03 3.70
CA VAL D 122 6.76 -0.73 2.41
C VAL D 122 5.34 -1.29 2.30
N PRO D 123 4.82 -1.47 1.07
CA PRO D 123 3.43 -2.00 0.92
C PRO D 123 3.21 -3.37 1.54
N GLY D 124 2.02 -3.58 2.12
CA GLY D 124 1.70 -4.79 2.89
C GLY D 124 1.98 -4.70 4.39
N ASN D 125 2.83 -3.75 4.79
CA ASN D 125 3.28 -3.61 6.18
C ASN D 125 2.93 -2.24 6.76
N GLU D 126 3.03 -2.12 8.08
CA GLU D 126 2.87 -0.86 8.81
C GLU D 126 4.26 -0.25 9.04
N ILE D 127 4.29 1.05 9.29
CA ILE D 127 5.54 1.71 9.71
C ILE D 127 5.99 1.21 11.10
N PHE D 128 5.07 1.16 12.05
CA PHE D 128 5.35 0.68 13.41
C PHE D 128 4.80 -0.72 13.67
N ILE D 129 5.63 -1.59 14.25
CA ILE D 129 5.17 -2.91 14.69
C ILE D 129 5.05 -2.87 16.22
N LYS D 130 3.98 -3.48 16.75
CA LYS D 130 3.69 -3.45 18.20
C LYS D 130 4.17 -4.71 18.92
N THR D 131 4.48 -4.55 20.21
CA THR D 131 4.83 -5.66 21.10
C THR D 131 3.57 -6.10 21.85
N ASP D 132 3.66 -7.23 22.53
CA ASP D 132 2.51 -7.82 23.21
C ASP D 132 2.17 -7.07 24.49
N GLU D 133 0.89 -6.71 24.63
CA GLU D 133 0.41 -5.85 25.72
C GLU D 133 0.47 -6.57 27.07
N LYS D 134 0.14 -7.86 27.09
CA LYS D 134 0.16 -8.66 28.33
C LYS D 134 1.58 -8.81 28.89
N LEU D 135 2.57 -9.08 28.02
CA LEU D 135 3.98 -9.14 28.44
C LEU D 135 4.47 -7.79 28.96
N ASN D 136 4.06 -6.71 28.30
CA ASN D 136 4.40 -5.34 28.75
C ASN D 136 3.82 -5.02 30.14
N ASN D 137 2.58 -5.46 30.41
CA ASN D 137 1.98 -5.26 31.74
C ASN D 137 2.65 -6.12 32.80
N LEU D 138 3.03 -7.34 32.44
CA LEU D 138 3.82 -8.20 33.32
C LEU D 138 5.15 -7.52 33.70
N ALA D 139 5.81 -6.92 32.69
CA ALA D 139 7.04 -6.16 32.95
C ALA D 139 6.83 -5.02 33.95
N LEU D 140 5.72 -4.28 33.80
CA LEU D 140 5.39 -3.18 34.70
C LEU D 140 5.18 -3.61 36.15
N GLU D 141 4.51 -4.76 36.35
CA GLU D 141 4.31 -5.31 37.70
C GLU D 141 5.61 -5.76 38.34
N VAL D 142 6.45 -6.46 37.58
CA VAL D 142 7.78 -6.86 38.06
C VAL D 142 8.66 -5.65 38.40
N ALA D 143 8.52 -4.57 37.63
CA ALA D 143 9.23 -3.31 37.91
C ALA D 143 8.76 -2.67 39.22
N LYS D 144 7.45 -2.60 39.41
CA LYS D 144 6.85 -2.07 40.65
C LYS D 144 7.22 -2.94 41.85
N GLU D 145 7.07 -4.25 41.70
CA GLU D 145 7.36 -5.23 42.77
C GLU D 145 8.80 -5.11 43.30
N LEU D 146 9.79 -4.99 42.41
CA LEU D 146 11.19 -4.90 42.80
C LEU D 146 11.78 -3.47 42.81
N ASN D 147 10.96 -2.44 42.93
CA ASN D 147 11.40 -1.04 42.89
C ASN D 147 12.53 -0.74 41.87
N ILE D 148 12.31 -1.19 40.63
CA ILE D 148 13.20 -0.91 39.50
C ILE D 148 12.51 0.10 38.58
N LYS D 149 13.27 1.09 38.12
CA LYS D 149 12.77 2.10 37.21
C LYS D 149 12.69 1.49 35.81
N LEU D 150 11.49 1.57 35.20
CA LEU D 150 11.24 1.01 33.86
C LEU D 150 10.42 2.01 33.05
N ARG D 151 10.90 2.31 31.84
CA ARG D 151 10.29 3.32 30.99
C ARG D 151 9.74 2.65 29.72
N ALA D 152 8.56 3.12 29.29
CA ALA D 152 7.96 2.68 28.03
C ALA D 152 8.33 3.67 26.93
N GLY D 153 8.44 3.19 25.69
CA GLY D 153 8.86 4.04 24.60
C GLY D 153 8.88 3.42 23.23
N ILE D 154 9.32 4.22 22.27
CA ILE D 154 9.40 3.86 20.87
C ILE D 154 10.88 3.62 20.56
N ILE D 155 11.20 2.49 19.94
CA ILE D 155 12.57 2.21 19.48
C ILE D 155 12.62 2.25 17.95
N ALA D 156 13.67 2.90 17.44
CA ALA D 156 13.95 2.96 16.02
C ALA D 156 15.11 2.00 15.72
N THR D 157 14.89 1.08 14.78
CA THR D 157 15.85 0.02 14.45
C THR D 157 16.45 0.30 13.08
N GLY D 158 17.74 0.03 12.92
CA GLY D 158 18.37 0.08 11.60
C GLY D 158 19.75 -0.55 11.68
N ASP D 159 20.40 -0.70 10.53
CA ASP D 159 21.64 -1.48 10.45
C ASP D 159 22.90 -0.61 10.51
N GLU D 160 22.81 0.53 11.19
CA GLU D 160 23.95 1.40 11.42
C GLU D 160 24.14 1.58 12.92
N PHE D 161 25.39 1.56 13.38
CA PHE D 161 25.71 2.07 14.72
C PHE D 161 25.67 3.60 14.68
N ILE D 162 24.77 4.19 15.46
CA ILE D 162 24.52 5.64 15.41
C ILE D 162 25.44 6.34 16.41
N CYS D 163 26.29 7.22 15.90
CA CYS D 163 27.25 7.97 16.73
C CYS D 163 27.47 9.36 16.17
N ASP D 164 26.38 10.06 15.94
CA ASP D 164 26.35 11.32 15.20
C ASP D 164 25.10 12.07 15.69
N GLU D 165 25.29 13.32 16.12
CA GLU D 165 24.21 14.10 16.74
C GLU D 165 23.10 14.48 15.75
N ALA D 166 23.50 14.79 14.52
CA ALA D 166 22.56 15.13 13.45
C ALA D 166 21.65 13.94 13.11
N LYS D 167 22.24 12.77 12.93
CA LYS D 167 21.47 11.56 12.63
C LYS D 167 20.55 11.18 13.78
N LYS D 168 21.10 11.20 15.00
CA LYS D 168 20.32 11.00 16.22
C LYS D 168 19.09 11.89 16.26
N ALA D 169 19.29 13.19 16.06
CA ALA D 169 18.20 14.17 16.07
C ALA D 169 17.15 13.87 15.00
N LYS D 170 17.61 13.56 13.79
CA LYS D 170 16.76 13.27 12.65
C LYS D 170 15.85 12.06 12.91
N ILE D 171 16.44 10.95 13.36
CA ILE D 171 15.68 9.72 13.59
C ILE D 171 14.67 9.93 14.72
N ARG D 172 15.11 10.61 15.78
CA ARG D 172 14.23 10.99 16.90
C ARG D 172 13.04 11.85 16.47
N GLU D 173 13.33 12.85 15.62
CA GLU D 173 12.29 13.78 15.08
C GLU D 173 11.25 12.98 14.26
N ILE D 174 11.72 12.13 13.35
CA ILE D 174 10.83 11.47 12.38
C ILE D 174 9.93 10.43 13.04
N PHE D 175 10.48 9.68 13.99
CA PHE D 175 9.75 8.55 14.60
C PHE D 175 9.34 8.74 16.06
N ASN D 176 9.66 9.89 16.64
CA ASN D 176 9.43 10.12 18.08
C ASN D 176 10.08 9.01 18.93
N ALA D 177 11.31 8.63 18.54
CA ALA D 177 12.01 7.50 19.14
C ALA D 177 12.74 7.88 20.40
N ASP D 178 12.67 7.02 21.42
CA ASP D 178 13.40 7.19 22.68
C ASP D 178 14.77 6.54 22.70
N ALA D 179 14.99 5.55 21.81
CA ALA D 179 16.29 4.89 21.66
C ALA D 179 16.45 4.25 20.28
N CYS D 180 17.68 3.91 19.94
CA CYS D 180 17.98 3.26 18.68
C CYS D 180 18.71 1.98 18.94
N GLU D 181 18.59 1.05 17.98
CA GLU D 181 19.32 -0.20 18.06
C GLU D 181 19.24 -0.92 16.70
N MET D 182 19.71 -2.16 16.59
CA MET D 182 19.89 -2.79 15.28
C MET D 182 19.14 -4.11 15.09
N GLU D 183 18.30 -4.50 16.06
CA GLU D 183 17.56 -5.77 16.00
C GLU D 183 16.08 -5.79 16.40
N GLY D 184 15.55 -4.70 16.94
CA GLY D 184 14.26 -4.72 17.62
C GLY D 184 13.08 -4.91 16.69
N ALA D 185 12.92 -3.97 15.76
CA ALA D 185 11.81 -3.98 14.81
C ALA D 185 11.73 -5.27 13.99
N SER D 186 12.91 -5.79 13.63
CA SER D 186 13.01 -7.03 12.88
C SER D 186 12.49 -8.24 13.68
N VAL D 187 12.91 -8.35 14.93
CA VAL D 187 12.46 -9.44 15.81
C VAL D 187 10.94 -9.32 16.06
N ALA D 188 10.48 -8.11 16.36
CA ALA D 188 9.05 -7.84 16.60
C ALA D 188 8.17 -8.20 15.39
N LEU D 189 8.65 -7.85 14.19
CA LEU D 189 7.96 -8.22 12.95
C LEU D 189 7.83 -9.74 12.80
N VAL D 190 8.93 -10.47 12.97
CA VAL D 190 8.88 -11.93 12.86
C VAL D 190 7.86 -12.54 13.82
N CYS D 191 7.87 -12.09 15.09
CA CYS D 191 7.01 -12.64 16.12
C CYS D 191 5.53 -12.35 15.80
N ASP D 192 5.25 -11.12 15.35
CA ASP D 192 3.88 -10.75 14.97
C ASP D 192 3.41 -11.59 13.79
N ALA D 193 4.25 -11.71 12.76
CA ALA D 193 3.91 -12.52 11.59
C ALA D 193 3.65 -13.99 11.95
N LEU D 194 4.45 -14.55 12.86
CA LEU D 194 4.28 -15.93 13.32
C LEU D 194 3.34 -16.11 14.52
N LYS D 195 2.67 -15.02 14.94
CA LYS D 195 1.65 -15.05 16.00
C LYS D 195 2.20 -15.46 17.38
N VAL D 196 3.38 -14.96 17.70
CA VAL D 196 4.03 -15.20 18.99
C VAL D 196 4.11 -13.87 19.75
N PRO D 197 3.69 -13.87 21.03
CA PRO D 197 3.89 -12.68 21.87
C PRO D 197 5.37 -12.30 21.99
N CYS D 198 5.66 -11.02 21.73
CA CYS D 198 7.02 -10.48 21.74
C CYS D 198 7.17 -9.38 22.80
N PHE D 199 8.33 -9.36 23.44
CA PHE D 199 8.70 -8.31 24.41
C PHE D 199 10.15 -7.88 24.14
N ILE D 200 10.36 -6.58 23.96
CA ILE D 200 11.68 -6.03 23.63
C ILE D 200 12.17 -5.13 24.76
N LEU D 201 13.24 -5.55 25.43
CA LEU D 201 13.83 -4.79 26.55
C LEU D 201 15.27 -4.42 26.23
N ARG D 202 15.63 -3.16 26.50
CA ARG D 202 16.98 -2.66 26.27
C ARG D 202 17.45 -1.81 27.45
N ALA D 203 18.70 -2.01 27.86
CA ALA D 203 19.39 -1.15 28.80
C ALA D 203 20.36 -0.27 28.03
N MET D 204 20.40 1.03 28.35
CA MET D 204 21.21 1.97 27.60
C MET D 204 22.71 1.73 27.85
N SER D 205 23.48 1.60 26.77
CA SER D 205 24.94 1.51 26.83
C SER D 205 25.66 2.80 26.43
N ASP D 206 24.94 3.75 25.83
CA ASP D 206 25.52 4.98 25.31
C ASP D 206 24.39 5.97 24.94
N LYS D 207 24.75 7.15 24.46
CA LYS D 207 23.77 8.20 24.06
C LYS D 207 23.78 8.51 22.55
N ALA D 208 24.41 7.66 21.77
CA ALA D 208 24.27 7.68 20.30
C ALA D 208 24.73 8.98 19.60
N GLY D 209 25.64 9.71 20.23
CA GLY D 209 26.23 10.91 19.64
C GLY D 209 27.72 10.74 19.47
N GLU D 210 28.47 11.85 19.53
CA GLU D 210 29.93 11.78 19.41
C GLU D 210 30.52 10.89 20.49
N LYS D 211 31.48 10.04 20.11
CA LYS D 211 32.10 9.09 21.04
C LYS D 211 31.12 8.08 21.70
N ALA D 212 30.02 7.76 21.02
CA ALA D 212 29.12 6.70 21.48
C ALA D 212 29.83 5.33 21.45
N GLU D 213 30.71 5.13 20.47
CA GLU D 213 31.52 3.90 20.38
C GLU D 213 32.37 3.64 21.64
N PHE D 214 32.87 4.71 22.27
CA PHE D 214 33.67 4.58 23.50
C PHE D 214 32.81 4.25 24.71
N ASP D 215 31.69 4.96 24.86
CA ASP D 215 30.69 4.62 25.90
C ASP D 215 30.13 3.21 25.73
N PHE D 216 29.92 2.79 24.49
CA PHE D 216 29.45 1.44 24.23
C PHE D 216 30.43 0.42 24.82
N ASP D 217 31.70 0.50 24.42
CA ASP D 217 32.73 -0.44 24.90
C ASP D 217 32.84 -0.44 26.43
N GLU D 218 32.69 0.72 27.07
CA GLU D 218 32.82 0.82 28.52
C GLU D 218 31.63 0.19 29.26
N PHE D 219 30.41 0.39 28.76
CA PHE D 219 29.19 0.03 29.53
C PHE D 219 28.41 -1.21 29.05
N VAL D 220 28.77 -1.77 27.90
CA VAL D 220 28.02 -2.91 27.30
C VAL D 220 27.80 -4.08 28.27
N ILE D 221 28.92 -4.55 28.85
CA ILE D 221 28.90 -5.73 29.72
C ILE D 221 27.92 -5.53 30.89
N ASN D 222 28.03 -4.37 31.55
CA ASN D 222 27.20 -4.09 32.74
C ASN D 222 25.73 -3.86 32.40
N SER D 223 25.47 -3.05 31.38
CA SER D 223 24.08 -2.77 30.94
C SER D 223 23.37 -4.04 30.45
N ALA D 224 24.11 -4.91 29.77
CA ALA D 224 23.59 -6.19 29.30
C ALA D 224 23.09 -7.06 30.46
N LYS D 225 23.86 -7.06 31.56
CA LYS D 225 23.47 -7.77 32.79
C LYS D 225 22.18 -7.25 33.42
N ILE D 226 22.00 -5.94 33.39
CA ILE D 226 20.77 -5.31 33.92
C ILE D 226 19.54 -5.82 33.16
N SER D 227 19.61 -5.77 31.83
CA SER D 227 18.54 -6.27 30.97
C SER D 227 18.34 -7.78 31.12
N ALA D 228 19.45 -8.51 31.11
CA ALA D 228 19.45 -9.98 31.24
C ALA D 228 18.75 -10.46 32.52
N ASN D 229 19.14 -9.86 33.65
CA ASN D 229 18.51 -10.17 34.94
C ASN D 229 17.00 -9.97 34.88
N PHE D 230 16.59 -8.84 34.31
CA PHE D 230 15.16 -8.47 34.27
C PHE D 230 14.30 -9.49 33.49
N VAL D 231 14.74 -9.92 32.31
CA VAL D 231 13.97 -10.91 31.52
C VAL D 231 13.85 -12.27 32.20
N LEU D 232 14.87 -12.68 32.94
CA LEU D 232 14.79 -13.90 33.76
C LEU D 232 13.77 -13.77 34.90
N LYS D 233 13.66 -12.57 35.49
CA LYS D 233 12.63 -12.31 36.50
C LYS D 233 11.21 -12.37 35.91
N MET D 234 11.05 -11.99 34.65
CA MET D 234 9.76 -12.18 33.96
C MET D 234 9.46 -13.66 33.74
N CYS D 235 10.48 -14.47 33.46
CA CYS D 235 10.30 -15.92 33.33
C CYS D 235 9.79 -16.58 34.61
N GLU D 236 10.21 -16.07 35.77
CA GLU D 236 9.68 -16.52 37.07
C GLU D 236 8.16 -16.33 37.16
N LYS D 237 7.68 -15.16 36.75
CA LYS D 237 6.25 -14.83 36.80
C LYS D 237 5.41 -15.36 35.63
N LEU D 238 6.06 -15.88 34.59
CA LEU D 238 5.35 -16.38 33.39
C LEU D 238 4.77 -17.77 33.65
C2 BIG E . -9.81 21.35 -0.52
C5 BIG E . -8.90 21.94 2.04
C4 BIG E . -9.47 20.63 1.66
C8 BIG E . -8.83 20.64 3.83
O3' BIG E . -8.20 14.95 1.48
C3' BIG E . -7.97 16.23 0.88
C4' BIG E . -6.88 16.92 1.65
C5' BIG E . -6.28 18.15 0.99
S5' BIG E . -5.16 17.71 -0.29
C20 BIG E . -3.69 17.34 0.62
C21 BIG E . -2.60 16.83 -0.30
C22 BIG E . -1.27 16.74 0.46
C23 BIG E . -0.19 16.22 -0.46
C1' BIG E . -7.60 17.30 2.95
N1' BIG E . -9.05 17.26 2.63
C2' BIG E . -9.20 17.05 1.16
C10 BIG E . -9.85 18.37 3.14
N7 BIG E . -8.56 21.88 3.33
C6 BIG E . -8.87 22.96 0.95
N6 BIG E . -8.39 24.20 1.14
N3 BIG E . -9.89 20.38 0.40
C9 BIG E . -9.40 19.79 2.87
N1 BIG E . -9.32 22.60 -0.27
C1 EDO F . 3.86 22.94 0.79
O1 EDO F . 3.78 21.51 0.73
C2 EDO F . 3.45 23.51 -0.56
O2 EDO F . 4.22 22.90 -1.61
C2 BIG G . -17.29 15.99 -21.86
C5 BIG G . -18.06 15.29 -24.44
C4 BIG G . -18.26 14.44 -23.28
C8 BIG G . -19.08 13.46 -25.16
O3' BIG G . -22.09 11.51 -20.07
C3' BIG G . -21.60 12.83 -20.36
C4' BIG G . -22.32 13.44 -21.53
C5' BIG G . -22.07 14.94 -21.75
S5' BIG G . -22.99 15.93 -20.66
C20 BIG G . -24.61 15.86 -21.36
C21 BIG G . -25.57 16.74 -20.58
C22 BIG G . -26.96 16.74 -21.21
C23 BIG G . -27.94 17.54 -20.36
C1' BIG G . -21.75 12.71 -22.72
N1' BIG G . -20.52 12.08 -22.20
C2' BIG G . -20.20 12.67 -20.89
C10 BIG G . -19.36 11.98 -23.06
N7 BIG G . -18.57 14.66 -25.52
C6 BIG G . -17.41 16.58 -24.16
N6 BIG G . -17.18 17.47 -25.15
N3 BIG G . -17.88 14.79 -22.05
C9 BIG G . -18.93 13.23 -23.79
N1 BIG G . -17.05 16.86 -22.87
C2 BIG H . 17.00 -0.54 -5.15
C5 BIG H . 16.39 -0.80 -7.83
C4 BIG H . 16.07 -1.82 -6.83
C8 BIG H . 15.37 -2.49 -8.86
O3' BIG H . 11.91 -4.77 -3.91
C3' BIG H . 12.58 -3.55 -4.27
C4' BIG H . 11.91 -2.89 -5.47
C5' BIG H . 12.25 -1.41 -5.63
S5' BIG H . 11.37 -0.48 -4.47
C20 BIG H . 9.88 -0.17 -5.39
C21 BIG H . 8.79 0.41 -4.49
C22 BIG H . 7.71 1.21 -5.25
C23 BIG H . 6.44 0.43 -5.43
C1' BIG H . 12.48 -3.62 -6.67
N1' BIG H . 13.70 -4.31 -6.15
C2' BIG H . 13.97 -3.88 -4.77
C10 BIG H . 14.85 -4.27 -7.05
N7 BIG H . 15.94 -1.26 -9.02
C6 BIG H . 17.06 0.41 -7.32
N6 BIG H . 17.42 1.43 -8.12
N3 BIG H . 16.37 -1.66 -5.53
C9 BIG H . 15.39 -2.93 -7.54
N1 BIG H . 17.33 0.47 -5.99
C1 EDO I . 34.88 -13.02 12.30
O1 EDO I . 34.38 -12.18 13.30
C2 EDO I . 34.49 -12.52 10.94
O2 EDO I . 34.26 -13.53 9.94
C2 BIG J . 22.99 1.31 17.19
C5 BIG J . 23.63 1.63 19.86
C4 BIG J . 23.09 0.38 19.31
C8 BIG J . 23.46 0.15 21.50
O3' BIG J . 24.15 -5.35 18.25
C3' BIG J . 24.45 -3.97 18.05
C4' BIG J . 25.53 -3.47 19.00
C5' BIG J . 26.27 -2.24 18.50
S5' BIG J . 27.38 -2.55 17.19
C20 BIG J . 28.68 -3.37 18.09
C21 BIG J . 29.93 -3.63 17.25
C22 BIG J . 31.01 -4.31 18.08
C23 BIG J . 32.28 -4.54 17.29
C1' BIG J . 24.77 -3.12 20.30
N1' BIG J . 23.34 -3.09 19.91
C2' BIG J . 23.23 -3.17 18.44
C10 BIG J . 22.51 -2.02 20.48
N7 BIG J . 23.82 1.42 21.17
C6 BIG J . 23.80 2.74 18.89
N6 BIG J . 24.28 3.95 19.24
N3 BIG J . 22.80 0.26 18.00
C9 BIG J . 23.00 -0.58 20.41
N1 BIG J . 23.46 2.51 17.60
C1 EDO K . 37.68 -0.71 27.20
O1 EDO K . 37.09 -0.40 25.92
C2 EDO K . 36.69 -1.54 28.02
O2 EDO K . 36.08 -2.54 27.21
#